data_9IQH
#
_entry.id   9IQH
#
_cell.length_a   130.732
_cell.length_b   82.799
_cell.length_c   77.496
_cell.angle_alpha   90.000
_cell.angle_beta   110.320
_cell.angle_gamma   90.000
#
_symmetry.space_group_name_H-M   'C 1 2 1'
#
loop_
_entity.id
_entity.type
_entity.pdbx_description
1 polymer 'O-succinylhomoserine sulfhydrylase'
2 non-polymer "PYRIDOXAL-5'-PHOSPHATE"
3 water water
#
_entity_poly.entity_id   1
_entity_poly.type   'polypeptide(L)'
_entity_poly.pdbx_seq_one_letter_code
;MNTKNTNPDWADRLRPETIAIRAGIHRTQEQEHSEAIFPTSSFVFDSAEEAADRFAGRVPGNIYARFTNPTVRTFEERLA
ALEGAEACVATASGMAACLTAFMGILKAGDHVVASRSIFGTTVQLLGNILSRFGVETSFVPLADVPAWRAALRPNTRMLF
LETPSNPLTEIGDMQALADLAHVHDAWLVVDNCFCTPALQQPLKFGADLVIHSATKYLDGQGRTLGGAVCGSTELLNSGP
RNFVRTAGPSLSPFNAWVQLKGLETLGLRMERHCANAQKIAEWLEARPEVARVYYPGLDSHPQQALAARQQRLPGAILSF
DLHGGQKAAWAFVDALRLLSLTANLGDAKTTITHPASTTHSRVSPEARAAAGVGDGLLRISVGLEHADDLREDMERGFAA
LVAR
;
_entity_poly.pdbx_strand_id   A,B
#
# COMPACT_ATOMS: atom_id res chain seq x y z
N ASP A 9 -19.72 24.95 -14.63
CA ASP A 9 -20.47 25.39 -15.80
C ASP A 9 -21.02 24.19 -16.56
N TRP A 10 -20.52 23.98 -17.77
CA TRP A 10 -21.10 22.99 -18.69
C TRP A 10 -20.82 21.56 -18.24
N ALA A 11 -19.69 21.31 -17.58
CA ALA A 11 -19.29 19.95 -17.26
C ALA A 11 -20.20 19.26 -16.26
N ASP A 12 -21.06 20.01 -15.56
CA ASP A 12 -21.88 19.43 -14.50
C ASP A 12 -22.98 18.52 -15.04
N ARG A 13 -23.30 18.61 -16.34
CA ARG A 13 -24.41 17.86 -16.91
C ARG A 13 -23.95 16.64 -17.72
N LEU A 14 -22.66 16.32 -17.69
CA LEU A 14 -22.15 15.21 -18.50
C LEU A 14 -22.64 13.87 -17.98
N ARG A 15 -23.00 12.98 -18.90
CA ARG A 15 -23.43 11.63 -18.55
C ARG A 15 -22.23 10.79 -18.11
N PRO A 16 -22.48 9.72 -17.34
CA PRO A 16 -21.36 8.94 -16.79
C PRO A 16 -20.40 8.41 -17.84
N GLU A 17 -20.87 8.02 -19.02
CA GLU A 17 -19.96 7.48 -20.03
C GLU A 17 -18.92 8.53 -20.43
N THR A 18 -19.35 9.79 -20.55
CA THR A 18 -18.42 10.86 -20.91
C THR A 18 -17.46 11.15 -19.77
N ILE A 19 -17.97 11.14 -18.53
CA ILE A 19 -17.16 11.42 -17.36
C ILE A 19 -16.02 10.42 -17.24
N ALA A 20 -16.31 9.14 -17.44
CA ALA A 20 -15.30 8.09 -17.31
C ALA A 20 -14.16 8.24 -18.32
N ILE A 21 -14.41 8.92 -19.45
CA ILE A 21 -13.40 9.10 -20.49
C ILE A 21 -12.67 10.44 -20.35
N ARG A 22 -13.28 11.43 -19.71
CA ARG A 22 -12.78 12.80 -19.76
C ARG A 22 -12.42 13.39 -18.41
N ALA A 23 -13.03 12.94 -17.31
CA ALA A 23 -12.81 13.58 -16.03
C ALA A 23 -11.41 13.29 -15.50
N GLY A 24 -10.93 14.18 -14.64
CA GLY A 24 -9.63 14.04 -13.99
C GLY A 24 -8.45 14.45 -14.83
N ILE A 25 -8.67 14.96 -16.04
CA ILE A 25 -7.57 15.24 -16.96
C ILE A 25 -7.03 16.64 -16.70
N HIS A 26 -5.72 16.73 -16.47
CA HIS A 26 -5.01 18.01 -16.34
C HIS A 26 -3.78 17.93 -17.24
N ARG A 27 -3.95 18.27 -18.51
CA ARG A 27 -2.87 18.06 -19.46
C ARG A 27 -1.69 18.99 -19.16
N THR A 28 -0.48 18.46 -19.34
CA THR A 28 0.71 19.24 -19.19
C THR A 28 0.90 20.12 -20.41
N GLN A 29 1.94 20.96 -20.38
CA GLN A 29 2.23 21.83 -21.51
C GLN A 29 2.60 21.07 -22.77
N GLU A 30 2.96 19.79 -22.66
CA GLU A 30 3.20 18.97 -23.84
C GLU A 30 1.91 18.63 -24.59
N GLN A 31 0.75 18.87 -23.98
CA GLN A 31 -0.55 18.68 -24.64
C GLN A 31 -0.76 17.23 -25.07
N GLU A 32 -0.25 16.28 -24.27
CA GLU A 32 -0.46 14.88 -24.58
C GLU A 32 -1.96 14.56 -24.62
N HIS A 33 -2.39 13.89 -25.68
CA HIS A 33 -3.78 13.49 -25.78
C HIS A 33 -4.15 12.48 -24.69
N SER A 34 -3.32 11.47 -24.49
CA SER A 34 -3.57 10.43 -23.51
C SER A 34 -2.83 10.74 -22.21
N GLU A 35 -3.35 10.18 -21.11
CA GLU A 35 -2.87 10.53 -19.78
C GLU A 35 -1.44 10.05 -19.56
N ALA A 36 -0.62 10.90 -18.97
CA ALA A 36 0.78 10.59 -18.74
C ALA A 36 0.95 9.78 -17.46
N ILE A 37 2.07 9.07 -17.39
CA ILE A 37 2.49 8.37 -16.18
C ILE A 37 3.61 9.18 -15.55
N PHE A 38 3.49 9.45 -14.26
CA PHE A 38 4.55 10.17 -13.56
C PHE A 38 5.22 9.25 -12.56
N PRO A 39 6.20 8.44 -13.00
CA PRO A 39 6.96 7.65 -12.04
C PRO A 39 8.00 8.53 -11.39
N THR A 40 7.60 9.23 -10.34
CA THR A 40 8.50 10.10 -9.59
C THR A 40 8.12 10.04 -8.12
N SER A 41 9.12 10.09 -7.24
CA SER A 41 8.80 10.08 -5.83
C SER A 41 8.73 11.48 -5.23
N SER A 42 9.48 12.44 -5.76
CA SER A 42 9.45 13.79 -5.24
C SER A 42 9.26 14.77 -6.38
N PHE A 43 9.22 16.06 -6.03
CA PHE A 43 8.98 17.11 -7.00
C PHE A 43 9.92 18.27 -6.72
N VAL A 44 10.28 19.00 -7.77
CA VAL A 44 11.28 20.05 -7.69
C VAL A 44 10.59 21.39 -7.46
N PHE A 45 11.22 22.26 -6.67
CA PHE A 45 10.72 23.60 -6.43
C PHE A 45 11.56 24.62 -7.18
N ASP A 46 10.94 25.75 -7.52
CA ASP A 46 11.63 26.81 -8.25
C ASP A 46 12.58 27.61 -7.38
N SER A 47 12.36 27.61 -6.07
CA SER A 47 13.14 28.42 -5.13
C SER A 47 12.90 27.89 -3.74
N ALA A 48 13.76 28.31 -2.81
CA ALA A 48 13.52 28.00 -1.39
C ALA A 48 12.20 28.56 -0.93
N GLU A 49 11.88 29.78 -1.37
CA GLU A 49 10.62 30.42 -1.00
CA GLU A 49 10.62 30.41 -0.98
C GLU A 49 9.44 29.55 -1.42
N GLU A 50 9.45 29.08 -2.67
CA GLU A 50 8.37 28.23 -3.14
C GLU A 50 8.29 26.94 -2.33
N ALA A 51 9.44 26.34 -2.03
CA ALA A 51 9.46 25.12 -1.21
C ALA A 51 8.83 25.36 0.15
N ALA A 52 9.17 26.49 0.78
CA ALA A 52 8.59 26.81 2.09
C ALA A 52 7.09 27.02 1.98
N ASP A 53 6.64 27.77 0.96
CA ASP A 53 5.21 28.02 0.79
C ASP A 53 4.45 26.73 0.59
N ARG A 54 4.94 25.87 -0.29
CA ARG A 54 4.25 24.61 -0.56
C ARG A 54 4.22 23.71 0.67
N PHE A 55 5.32 23.65 1.41
CA PHE A 55 5.33 22.88 2.66
C PHE A 55 4.40 23.51 3.70
N ALA A 56 4.25 24.83 3.68
CA ALA A 56 3.38 25.49 4.65
C ALA A 56 1.92 25.51 4.22
N GLY A 57 1.60 25.04 3.02
CA GLY A 57 0.24 25.07 2.53
C GLY A 57 -0.23 26.40 2.00
N ARG A 58 0.66 27.38 1.86
CA ARG A 58 0.26 28.69 1.35
C ARG A 58 0.01 28.67 -0.15
N VAL A 59 0.66 27.77 -0.88
CA VAL A 59 0.41 27.60 -2.31
C VAL A 59 0.09 26.13 -2.54
N PRO A 60 -0.73 25.80 -3.53
CA PRO A 60 -0.91 24.40 -3.92
C PRO A 60 0.30 23.91 -4.70
N GLY A 61 0.41 22.60 -4.81
CA GLY A 61 1.43 22.02 -5.64
C GLY A 61 1.85 20.66 -5.11
N ASN A 62 2.75 20.03 -5.88
CA ASN A 62 3.24 18.70 -5.57
C ASN A 62 4.45 18.77 -4.67
N ILE A 63 4.53 17.86 -3.71
CA ILE A 63 5.69 17.78 -2.83
C ILE A 63 6.29 16.39 -2.90
N TYR A 64 5.48 15.38 -2.61
CA TYR A 64 5.96 14.02 -2.50
C TYR A 64 4.87 13.07 -3.00
N ALA A 65 5.27 12.05 -3.77
CA ALA A 65 4.31 11.18 -4.44
C ALA A 65 3.43 10.40 -3.47
N ARG A 66 3.88 10.17 -2.24
CA ARG A 66 3.00 9.56 -1.26
C ARG A 66 1.83 10.48 -0.92
N PHE A 67 2.01 11.79 -1.08
CA PHE A 67 0.93 12.76 -0.87
C PHE A 67 0.15 13.02 -2.14
N THR A 68 0.86 13.29 -3.24
CA THR A 68 0.25 13.75 -4.48
C THR A 68 1.05 13.18 -5.63
N ASN A 69 0.39 12.46 -6.52
CA ASN A 69 0.99 12.07 -7.78
C ASN A 69 -0.02 12.39 -8.86
N PRO A 70 0.38 13.07 -9.94
CA PRO A 70 -0.60 13.46 -10.96
C PRO A 70 -1.34 12.30 -11.58
N THR A 71 -0.66 11.18 -11.86
CA THR A 71 -1.35 10.04 -12.44
C THR A 71 -2.40 9.48 -11.48
N VAL A 72 -2.04 9.34 -10.20
CA VAL A 72 -3.00 8.88 -9.20
C VAL A 72 -4.13 9.89 -9.04
N ARG A 73 -3.81 11.18 -9.12
CA ARG A 73 -4.85 12.21 -9.00
C ARG A 73 -5.88 12.06 -10.11
N THR A 74 -5.43 11.78 -11.34
CA THR A 74 -6.37 11.58 -12.42
C THR A 74 -7.33 10.43 -12.13
N PHE A 75 -6.81 9.33 -11.60
CA PHE A 75 -7.65 8.19 -11.26
C PHE A 75 -8.64 8.54 -10.14
N GLU A 76 -8.17 9.26 -9.11
CA GLU A 76 -9.02 9.58 -7.97
C GLU A 76 -10.19 10.46 -8.38
N GLU A 77 -9.90 11.53 -9.13
CA GLU A 77 -10.95 12.46 -9.55
C GLU A 77 -11.94 11.78 -10.48
N ARG A 78 -11.43 10.97 -11.42
CA ARG A 78 -12.32 10.27 -12.34
C ARG A 78 -13.24 9.31 -11.59
N LEU A 79 -12.69 8.52 -10.65
CA LEU A 79 -13.53 7.57 -9.93
C LEU A 79 -14.53 8.29 -9.03
N ALA A 80 -14.08 9.34 -8.33
CA ALA A 80 -15.00 10.11 -7.49
C ALA A 80 -16.15 10.68 -8.32
N ALA A 81 -15.84 11.21 -9.49
CA ALA A 81 -16.88 11.75 -10.36
C ALA A 81 -17.86 10.66 -10.81
N LEU A 82 -17.39 9.43 -11.00
CA LEU A 82 -18.30 8.35 -11.36
C LEU A 82 -19.16 7.92 -10.19
N GLU A 83 -18.67 8.05 -8.96
CA GLU A 83 -19.45 7.73 -7.78
C GLU A 83 -20.35 8.88 -7.35
N GLY A 84 -20.19 10.06 -7.94
CA GLY A 84 -20.87 11.24 -7.44
C GLY A 84 -20.26 11.83 -6.18
N ALA A 85 -19.04 11.42 -5.84
CA ALA A 85 -18.39 11.86 -4.61
C ALA A 85 -17.60 13.13 -4.84
N GLU A 86 -17.48 13.93 -3.77
CA GLU A 86 -16.63 15.12 -3.84
C GLU A 86 -15.17 14.76 -4.02
N ALA A 87 -14.71 13.71 -3.33
CA ALA A 87 -13.28 13.42 -3.24
C ALA A 87 -13.06 11.92 -3.24
N CYS A 88 -11.84 11.54 -3.58
CA CYS A 88 -11.42 10.15 -3.57
C CYS A 88 -9.94 10.08 -3.25
N VAL A 89 -9.54 9.08 -2.47
CA VAL A 89 -8.13 8.82 -2.20
C VAL A 89 -7.84 7.37 -2.57
N ALA A 90 -6.80 7.17 -3.38
CA ALA A 90 -6.47 5.86 -3.90
C ALA A 90 -5.56 5.11 -2.93
N THR A 91 -5.57 3.78 -3.03
CA THR A 91 -4.80 2.93 -2.13
C THR A 91 -4.17 1.79 -2.91
N ALA A 92 -3.17 1.16 -2.28
CA ALA A 92 -2.39 0.12 -2.93
C ALA A 92 -3.24 -1.08 -3.33
N SER A 93 -4.33 -1.34 -2.62
CA SER A 93 -5.21 -2.46 -2.93
C SER A 93 -6.57 -2.20 -2.31
N GLY A 94 -7.53 -3.06 -2.67
CA GLY A 94 -8.84 -2.97 -2.07
C GLY A 94 -8.80 -3.13 -0.57
N MET A 95 -8.01 -4.10 -0.08
CA MET A 95 -7.88 -4.29 1.36
C MET A 95 -7.30 -3.04 2.03
N ALA A 96 -6.33 -2.40 1.38
CA ALA A 96 -5.77 -1.17 1.93
C ALA A 96 -6.81 -0.05 1.97
N ALA A 97 -7.75 -0.04 1.02
CA ALA A 97 -8.86 0.92 1.10
C ALA A 97 -9.75 0.64 2.30
N CYS A 98 -10.02 -0.65 2.58
CA CYS A 98 -10.71 -1.00 3.81
C CYS A 98 -9.91 -0.55 5.02
N LEU A 99 -8.59 -0.80 5.00
CA LEU A 99 -7.74 -0.39 6.11
C LEU A 99 -7.78 1.13 6.29
N THR A 100 -7.75 1.87 5.18
CA THR A 100 -7.82 3.32 5.26
C THR A 100 -9.14 3.81 5.83
N ALA A 101 -10.25 3.19 5.42
CA ALA A 101 -11.54 3.58 5.99
C ALA A 101 -11.60 3.28 7.47
N PHE A 102 -11.13 2.10 7.88
CA PHE A 102 -11.19 1.71 9.28
C PHE A 102 -10.26 2.58 10.13
N MET A 103 -8.96 2.59 9.80
CA MET A 103 -8.00 3.28 10.64
C MET A 103 -8.04 4.79 10.50
N GLY A 104 -8.53 5.31 9.38
CA GLY A 104 -8.67 6.75 9.26
C GLY A 104 -9.86 7.34 9.98
N ILE A 105 -10.83 6.51 10.36
CA ILE A 105 -12.09 6.96 10.94
C ILE A 105 -12.27 6.49 12.37
N LEU A 106 -11.83 5.27 12.68
CA LEU A 106 -12.06 4.66 13.98
C LEU A 106 -10.89 4.92 14.92
N LYS A 107 -11.01 4.39 16.13
CA LYS A 107 -9.95 4.43 17.14
C LYS A 107 -10.18 3.30 18.10
N ALA A 108 -9.15 2.98 18.89
CA ALA A 108 -9.28 1.98 19.94
C ALA A 108 -10.46 2.35 20.84
N GLY A 109 -11.30 1.35 21.13
CA GLY A 109 -12.52 1.56 21.87
C GLY A 109 -13.77 1.65 21.00
N ASP A 110 -13.62 1.89 19.70
CA ASP A 110 -14.77 1.93 18.81
C ASP A 110 -15.28 0.53 18.52
N HIS A 111 -16.51 0.47 17.99
CA HIS A 111 -17.20 -0.77 17.65
C HIS A 111 -17.70 -0.65 16.22
N VAL A 112 -17.72 -1.79 15.52
CA VAL A 112 -18.17 -1.84 14.14
C VAL A 112 -19.23 -2.91 14.01
N VAL A 113 -20.30 -2.60 13.28
CA VAL A 113 -21.27 -3.60 12.84
C VAL A 113 -21.03 -3.85 11.36
N ALA A 114 -20.79 -5.10 10.99
CA ALA A 114 -20.44 -5.47 9.62
C ALA A 114 -21.26 -6.66 9.16
N SER A 115 -21.60 -6.65 7.87
CA SER A 115 -22.24 -7.82 7.28
C SER A 115 -21.35 -9.04 7.43
N ARG A 116 -21.94 -10.17 7.82
CA ARG A 116 -21.17 -11.38 8.05
C ARG A 116 -20.57 -11.94 6.76
N SER A 117 -21.08 -11.53 5.60
CA SER A 117 -20.68 -12.11 4.33
C SER A 117 -19.69 -11.23 3.56
N ILE A 118 -19.10 -10.23 4.21
CA ILE A 118 -18.11 -9.43 3.49
C ILE A 118 -16.89 -10.29 3.17
N PHE A 119 -16.07 -9.77 2.26
CA PHE A 119 -14.83 -10.39 1.82
C PHE A 119 -14.09 -11.02 3.01
N GLY A 120 -13.71 -12.29 2.85
CA GLY A 120 -13.14 -13.02 3.96
C GLY A 120 -11.91 -12.33 4.54
N THR A 121 -11.07 -11.77 3.67
CA THR A 121 -9.91 -11.03 4.14
C THR A 121 -10.31 -9.80 4.94
N THR A 122 -11.46 -9.19 4.61
CA THR A 122 -11.94 -8.06 5.39
C THR A 122 -12.42 -8.51 6.76
N VAL A 123 -13.09 -9.67 6.83
CA VAL A 123 -13.48 -10.24 8.11
C VAL A 123 -12.25 -10.42 8.99
N GLN A 124 -11.18 -10.97 8.42
CA GLN A 124 -9.93 -11.15 9.15
C GLN A 124 -9.27 -9.82 9.50
N LEU A 125 -9.38 -8.83 8.63
CA LEU A 125 -8.82 -7.52 8.95
C LEU A 125 -9.50 -6.93 10.19
N LEU A 126 -10.82 -7.02 10.26
CA LEU A 126 -11.53 -6.52 11.43
C LEU A 126 -11.30 -7.43 12.65
N GLY A 127 -11.47 -8.73 12.46
CA GLY A 127 -11.54 -9.65 13.58
C GLY A 127 -10.22 -10.21 14.11
N ASN A 128 -9.17 -10.17 13.30
CA ASN A 128 -7.88 -10.71 13.75
C ASN A 128 -6.80 -9.66 13.91
N ILE A 129 -6.87 -8.55 13.18
CA ILE A 129 -5.86 -7.50 13.22
C ILE A 129 -6.36 -6.28 14.01
N LEU A 130 -7.47 -5.68 13.59
CA LEU A 130 -7.93 -4.46 14.24
C LEU A 130 -8.45 -4.73 15.64
N SER A 131 -8.93 -5.95 15.90
CA SER A 131 -9.35 -6.32 17.24
C SER A 131 -8.19 -6.20 18.23
N ARG A 132 -6.97 -6.54 17.79
CA ARG A 132 -5.77 -6.36 18.61
C ARG A 132 -5.41 -4.90 18.81
N PHE A 133 -6.11 -3.97 18.17
CA PHE A 133 -5.87 -2.55 18.34
C PHE A 133 -7.13 -1.83 18.82
N GLY A 134 -7.96 -2.52 19.59
CA GLY A 134 -9.03 -1.87 20.32
C GLY A 134 -10.31 -1.64 19.56
N VAL A 135 -10.45 -2.18 18.36
CA VAL A 135 -11.67 -2.06 17.59
C VAL A 135 -12.44 -3.37 17.71
N GLU A 136 -13.68 -3.28 18.21
CA GLU A 136 -14.56 -4.43 18.31
C GLU A 136 -15.49 -4.48 17.11
N THR A 137 -15.87 -5.69 16.72
CA THR A 137 -16.75 -5.86 15.58
C THR A 137 -17.82 -6.89 15.90
N SER A 138 -19.04 -6.63 15.42
CA SER A 138 -20.15 -7.57 15.48
C SER A 138 -20.64 -7.84 14.07
N PHE A 139 -20.86 -9.12 13.75
CA PHE A 139 -21.23 -9.54 12.40
C PHE A 139 -22.68 -9.99 12.38
N VAL A 140 -23.44 -9.48 11.41
CA VAL A 140 -24.88 -9.72 11.34
C VAL A 140 -25.25 -10.11 9.92
N PRO A 141 -26.38 -10.81 9.74
CA PRO A 141 -26.85 -11.08 8.38
C PRO A 141 -27.14 -9.79 7.64
N LEU A 142 -26.86 -9.80 6.33
CA LEU A 142 -26.88 -8.57 5.55
C LEU A 142 -28.29 -7.98 5.43
N ALA A 143 -29.29 -8.82 5.16
CA ALA A 143 -30.62 -8.35 4.83
C ALA A 143 -31.53 -8.16 6.05
N ASP A 144 -31.01 -8.37 7.26
CA ASP A 144 -31.82 -8.37 8.47
C ASP A 144 -31.60 -7.04 9.20
N VAL A 145 -32.36 -6.02 8.77
CA VAL A 145 -32.25 -4.71 9.41
C VAL A 145 -32.48 -4.77 10.91
N PRO A 146 -33.47 -5.53 11.43
CA PRO A 146 -33.56 -5.67 12.89
C PRO A 146 -32.30 -6.22 13.53
N ALA A 147 -31.62 -7.16 12.88
CA ALA A 147 -30.36 -7.68 13.43
C ALA A 147 -29.28 -6.60 13.43
N TRP A 148 -29.27 -5.73 12.42
CA TRP A 148 -28.37 -4.59 12.43
C TRP A 148 -28.65 -3.69 13.63
N ARG A 149 -29.93 -3.33 13.84
CA ARG A 149 -30.29 -2.44 14.94
C ARG A 149 -29.98 -3.07 16.28
N ALA A 150 -30.24 -4.36 16.43
CA ALA A 150 -29.99 -5.02 17.71
C ALA A 150 -28.50 -5.09 18.03
N ALA A 151 -27.65 -5.05 17.00
CA ALA A 151 -26.21 -5.16 17.23
C ALA A 151 -25.57 -3.84 17.61
N LEU A 152 -26.29 -2.73 17.51
CA LEU A 152 -25.70 -1.44 17.80
C LEU A 152 -25.31 -1.35 19.27
N ARG A 153 -24.28 -0.55 19.53
CA ARG A 153 -23.73 -0.31 20.86
C ARG A 153 -23.51 1.19 21.02
N PRO A 154 -23.35 1.66 22.26
CA PRO A 154 -23.04 3.09 22.43
C PRO A 154 -21.78 3.52 21.68
N ASN A 155 -20.78 2.64 21.58
CA ASN A 155 -19.52 2.97 20.91
C ASN A 155 -19.49 2.58 19.44
N THR A 156 -20.63 2.17 18.86
CA THR A 156 -20.69 1.87 17.44
C THR A 156 -20.48 3.15 16.63
N ARG A 157 -19.43 3.15 15.81
CA ARG A 157 -19.11 4.30 14.97
C ARG A 157 -19.28 4.03 13.48
N MET A 158 -19.39 2.77 13.07
CA MET A 158 -19.42 2.47 11.64
C MET A 158 -20.28 1.24 11.39
N LEU A 159 -21.01 1.26 10.28
CA LEU A 159 -21.66 0.08 9.71
C LEU A 159 -21.03 -0.19 8.35
N PHE A 160 -20.53 -1.41 8.15
CA PHE A 160 -19.75 -1.77 6.97
C PHE A 160 -20.41 -2.94 6.27
N LEU A 161 -20.59 -2.83 4.95
CA LEU A 161 -21.23 -3.90 4.20
C LEU A 161 -20.80 -3.85 2.74
N GLU A 162 -21.02 -4.97 2.05
CA GLU A 162 -21.02 -5.04 0.60
C GLU A 162 -22.44 -5.35 0.14
N THR A 163 -22.85 -4.76 -0.99
CA THR A 163 -24.13 -5.17 -1.56
C THR A 163 -24.05 -4.99 -3.07
N PRO A 164 -24.37 -6.03 -3.86
CA PRO A 164 -24.73 -7.39 -3.44
C PRO A 164 -23.63 -8.12 -2.70
N SER A 165 -24.00 -9.17 -1.97
CA SER A 165 -23.09 -9.96 -1.19
C SER A 165 -22.40 -11.02 -2.05
N ASN A 166 -21.34 -11.60 -1.50
CA ASN A 166 -20.66 -12.70 -2.13
C ASN A 166 -20.62 -13.89 -1.17
N PRO A 167 -20.90 -15.11 -1.65
CA PRO A 167 -21.25 -15.47 -3.04
C PRO A 167 -22.75 -15.54 -3.35
N LEU A 168 -23.65 -15.26 -2.42
CA LEU A 168 -25.07 -15.50 -2.64
C LEU A 168 -25.81 -14.32 -3.25
N THR A 169 -25.13 -13.19 -3.49
CA THR A 169 -25.73 -11.99 -4.08
C THR A 169 -26.90 -11.45 -3.25
N GLU A 170 -26.85 -11.67 -1.93
CA GLU A 170 -27.84 -11.06 -1.06
C GLU A 170 -27.68 -9.54 -1.06
N ILE A 171 -28.76 -8.83 -0.76
CA ILE A 171 -28.80 -7.38 -0.88
C ILE A 171 -28.87 -6.75 0.49
N GLY A 172 -28.31 -5.55 0.60
CA GLY A 172 -28.41 -4.73 1.79
C GLY A 172 -29.28 -3.51 1.52
N ASP A 173 -30.07 -3.12 2.52
CA ASP A 173 -30.94 -1.96 2.41
C ASP A 173 -30.12 -0.73 2.79
N MET A 174 -29.52 -0.11 1.77
CA MET A 174 -28.54 0.95 2.03
C MET A 174 -29.20 2.16 2.70
N GLN A 175 -30.36 2.59 2.20
CA GLN A 175 -31.00 3.77 2.75
C GLN A 175 -31.47 3.53 4.18
N ALA A 176 -31.99 2.34 4.46
CA ALA A 176 -32.41 2.03 5.83
C ALA A 176 -31.22 2.00 6.77
N LEU A 177 -30.11 1.41 6.33
CA LEU A 177 -28.93 1.31 7.18
C LEU A 177 -28.19 2.63 7.28
N ALA A 178 -28.29 3.50 6.26
CA ALA A 178 -27.77 4.85 6.39
C ALA A 178 -28.53 5.61 7.47
N ASP A 179 -29.87 5.55 7.44
CA ASP A 179 -30.68 6.19 8.46
C ASP A 179 -30.39 5.61 9.83
N LEU A 180 -30.25 4.29 9.91
CA LEU A 180 -29.96 3.65 11.20
C LEU A 180 -28.63 4.14 11.75
N ALA A 181 -27.60 4.19 10.90
CA ALA A 181 -26.29 4.63 11.35
C ALA A 181 -26.31 6.10 11.77
N HIS A 182 -26.91 6.95 10.93
CA HIS A 182 -26.87 8.39 11.19
C HIS A 182 -27.65 8.79 12.43
N VAL A 183 -28.75 8.11 12.73
CA VAL A 183 -29.47 8.36 13.98
C VAL A 183 -28.54 8.11 15.17
N HIS A 184 -27.70 7.08 15.09
CA HIS A 184 -26.76 6.73 16.14
C HIS A 184 -25.39 7.34 15.94
N ASP A 185 -25.30 8.42 15.15
CA ASP A 185 -24.06 9.17 14.98
C ASP A 185 -22.91 8.26 14.54
N ALA A 186 -23.21 7.38 13.58
CA ALA A 186 -22.27 6.46 13.00
C ALA A 186 -22.25 6.64 11.49
N TRP A 187 -21.17 6.18 10.88
CA TRP A 187 -21.00 6.26 9.43
C TRP A 187 -21.42 4.96 8.77
N LEU A 188 -21.97 5.07 7.56
CA LEU A 188 -22.25 3.93 6.70
C LEU A 188 -21.16 3.84 5.64
N VAL A 189 -20.49 2.69 5.57
CA VAL A 189 -19.43 2.45 4.62
C VAL A 189 -19.84 1.27 3.75
N VAL A 190 -19.93 1.49 2.45
CA VAL A 190 -20.35 0.46 1.51
C VAL A 190 -19.17 0.10 0.61
N ASP A 191 -18.87 -1.18 0.53
CA ASP A 191 -17.90 -1.73 -0.43
C ASP A 191 -18.65 -1.99 -1.73
N ASN A 192 -18.27 -1.28 -2.80
CA ASN A 192 -19.05 -1.25 -4.04
C ASN A 192 -18.42 -2.09 -5.15
N CYS A 193 -17.64 -3.13 -4.81
CA CYS A 193 -16.94 -3.91 -5.83
C CYS A 193 -17.92 -4.66 -6.73
N PHE A 194 -18.99 -5.18 -6.16
CA PHE A 194 -19.90 -6.04 -6.92
C PHE A 194 -20.47 -5.30 -8.13
N CYS A 195 -20.94 -4.07 -7.92
CA CYS A 195 -21.69 -3.34 -8.94
C CYS A 195 -20.86 -2.33 -9.71
N THR A 196 -19.88 -1.68 -9.05
CA THR A 196 -19.11 -0.54 -9.54
C THR A 196 -20.02 0.69 -9.70
N PRO A 197 -19.47 1.90 -9.78
CA PRO A 197 -20.34 3.08 -9.97
C PRO A 197 -21.10 3.08 -11.29
N ALA A 198 -20.73 2.24 -12.25
CA ALA A 198 -21.54 2.11 -13.46
C ALA A 198 -22.93 1.56 -13.17
N LEU A 199 -23.12 0.87 -12.04
CA LEU A 199 -24.40 0.26 -11.73
C LEU A 199 -25.01 0.74 -10.42
N GLN A 200 -24.19 1.15 -9.46
CA GLN A 200 -24.70 1.49 -8.12
C GLN A 200 -23.84 2.61 -7.54
N GLN A 201 -24.49 3.61 -6.95
CA GLN A 201 -23.81 4.74 -6.32
C GLN A 201 -24.30 4.87 -4.90
N PRO A 202 -23.64 4.21 -3.95
CA PRO A 202 -24.15 4.16 -2.57
C PRO A 202 -24.33 5.52 -1.93
N LEU A 203 -23.61 6.54 -2.40
CA LEU A 203 -23.79 7.88 -1.83
C LEU A 203 -25.22 8.39 -2.02
N LYS A 204 -25.88 7.98 -3.11
CA LYS A 204 -27.27 8.37 -3.34
C LYS A 204 -28.23 7.68 -2.38
N PHE A 205 -27.72 6.78 -1.53
CA PHE A 205 -28.53 6.08 -0.55
C PHE A 205 -28.05 6.34 0.87
N GLY A 206 -27.33 7.44 1.09
CA GLY A 206 -26.93 7.85 2.42
C GLY A 206 -25.59 7.32 2.91
N ALA A 207 -24.90 6.48 2.14
CA ALA A 207 -23.57 6.03 2.52
C ALA A 207 -22.65 7.23 2.69
N ASP A 208 -21.71 7.11 3.62
CA ASP A 208 -20.73 8.17 3.84
C ASP A 208 -19.40 7.89 3.18
N LEU A 209 -19.01 6.63 3.05
CA LEU A 209 -17.80 6.23 2.33
C LEU A 209 -18.10 5.05 1.41
N VAL A 210 -17.59 5.14 0.18
CA VAL A 210 -17.68 4.06 -0.79
C VAL A 210 -16.28 3.50 -1.00
N ILE A 211 -16.13 2.19 -0.83
CA ILE A 211 -14.85 1.51 -0.91
C ILE A 211 -14.81 0.75 -2.22
N HIS A 212 -13.66 0.79 -2.90
CA HIS A 212 -13.48 0.10 -4.16
C HIS A 212 -12.24 -0.76 -4.13
N SER A 213 -12.33 -1.92 -4.77
CA SER A 213 -11.16 -2.67 -5.21
C SER A 213 -11.05 -2.39 -6.70
N ALA A 214 -10.11 -1.52 -7.07
CA ALA A 214 -9.85 -1.30 -8.50
C ALA A 214 -9.34 -2.57 -9.15
N THR A 215 -8.86 -3.52 -8.34
CA THR A 215 -8.39 -4.81 -8.81
C THR A 215 -9.45 -5.53 -9.63
N LYS A 216 -10.73 -5.40 -9.26
CA LYS A 216 -11.71 -6.26 -9.91
C LYS A 216 -12.22 -5.68 -11.23
N TYR A 217 -13.17 -4.74 -11.17
CA TYR A 217 -13.86 -4.33 -12.38
C TYR A 217 -13.34 -3.02 -12.96
N LEU A 218 -12.85 -2.12 -12.11
CA LEU A 218 -12.27 -0.87 -12.62
C LEU A 218 -11.09 -1.17 -13.53
N ASP A 219 -10.18 -2.04 -13.08
CA ASP A 219 -9.21 -2.62 -14.00
C ASP A 219 -9.93 -3.45 -15.05
N GLY A 220 -10.77 -4.38 -14.60
CA GLY A 220 -11.61 -5.18 -15.47
C GLY A 220 -10.91 -6.25 -16.26
N GLN A 221 -9.58 -6.38 -16.12
CA GLN A 221 -8.84 -7.37 -16.91
C GLN A 221 -7.75 -8.06 -16.11
N GLY A 222 -7.82 -8.02 -14.78
CA GLY A 222 -7.00 -8.87 -13.94
C GLY A 222 -5.53 -8.49 -13.87
N ARG A 223 -5.20 -7.25 -14.21
CA ARG A 223 -3.79 -6.87 -14.37
C ARG A 223 -3.16 -6.36 -13.09
N THR A 224 -3.89 -5.62 -12.26
CA THR A 224 -3.26 -4.83 -11.20
C THR A 224 -4.08 -4.90 -9.92
N LEU A 225 -3.40 -4.57 -8.82
CA LEU A 225 -4.05 -4.36 -7.54
C LEU A 225 -4.27 -2.87 -7.33
N GLY A 226 -5.41 -2.53 -6.76
CA GLY A 226 -5.68 -1.15 -6.40
C GLY A 226 -6.96 -1.05 -5.61
N GLY A 227 -7.11 0.08 -4.91
CA GLY A 227 -8.31 0.36 -4.15
C GLY A 227 -8.53 1.85 -4.05
N ALA A 228 -9.68 2.23 -3.50
CA ALA A 228 -9.98 3.64 -3.33
C ALA A 228 -11.06 3.81 -2.27
N VAL A 229 -11.10 5.02 -1.70
CA VAL A 229 -12.10 5.43 -0.73
C VAL A 229 -12.71 6.74 -1.22
N CYS A 230 -14.02 6.75 -1.42
CA CYS A 230 -14.74 7.91 -1.95
C CYS A 230 -15.71 8.45 -0.91
N GLY A 231 -15.89 9.77 -0.93
CA GLY A 231 -16.78 10.44 0.01
C GLY A 231 -16.62 11.94 -0.10
N SER A 232 -17.16 12.63 0.91
CA SER A 232 -17.10 14.09 0.91
C SER A 232 -15.67 14.57 1.17
N THR A 233 -15.38 15.77 0.69
CA THR A 233 -14.07 16.38 0.96
C THR A 233 -13.81 16.45 2.45
N GLU A 234 -14.84 16.83 3.23
CA GLU A 234 -14.66 16.99 4.66
C GLU A 234 -14.39 15.65 5.35
N LEU A 235 -15.11 14.60 4.96
CA LEU A 235 -14.91 13.31 5.62
C LEU A 235 -13.54 12.72 5.28
N LEU A 236 -13.12 12.82 4.02
CA LEU A 236 -11.82 12.26 3.65
C LEU A 236 -10.67 13.06 4.23
N ASN A 237 -10.89 14.35 4.52
CA ASN A 237 -9.88 15.18 5.15
C ASN A 237 -9.88 15.09 6.66
N SER A 238 -10.77 14.28 7.25
CA SER A 238 -10.81 14.09 8.69
C SER A 238 -10.08 12.82 9.13
N GLY A 239 -9.11 12.37 8.33
CA GLY A 239 -8.27 11.25 8.71
C GLY A 239 -7.95 10.23 7.64
N PRO A 240 -8.90 9.90 6.75
CA PRO A 240 -8.56 8.92 5.69
C PRO A 240 -7.42 9.37 4.78
N ARG A 241 -7.45 10.61 4.28
CA ARG A 241 -6.34 11.10 3.47
C ARG A 241 -5.05 11.14 4.25
N ASN A 242 -5.09 11.64 5.49
CA ASN A 242 -3.89 11.70 6.31
C ASN A 242 -3.33 10.30 6.54
N PHE A 243 -4.20 9.31 6.69
CA PHE A 243 -3.71 7.95 6.88
C PHE A 243 -2.93 7.46 5.67
N VAL A 244 -3.44 7.70 4.46
CA VAL A 244 -2.77 7.21 3.27
C VAL A 244 -1.40 7.88 3.11
N ARG A 245 -1.34 9.19 3.37
CA ARG A 245 -0.06 9.88 3.23
CA ARG A 245 -0.08 9.92 3.26
C ARG A 245 0.93 9.48 4.32
N THR A 246 0.45 9.13 5.51
CA THR A 246 1.30 8.86 6.65
C THR A 246 1.66 7.38 6.78
N ALA A 247 0.68 6.49 6.71
CA ALA A 247 0.95 5.06 6.75
C ALA A 247 1.37 4.50 5.39
N GLY A 248 1.23 5.27 4.31
CA GLY A 248 1.73 4.92 3.01
C GLY A 248 1.25 3.66 2.31
N PRO A 249 -0.05 3.30 2.41
CA PRO A 249 -0.56 2.25 1.51
C PRO A 249 -0.91 2.81 0.14
N SER A 250 0.06 3.45 -0.52
CA SER A 250 -0.25 4.25 -1.68
C SER A 250 -0.25 3.42 -2.96
N LEU A 251 -0.87 3.98 -3.99
CA LEU A 251 -1.07 3.31 -5.27
C LEU A 251 0.02 3.73 -6.24
N SER A 252 0.61 2.75 -6.92
CA SER A 252 1.64 3.04 -7.89
C SER A 252 1.07 3.81 -9.08
N PRO A 253 1.85 4.73 -9.65
CA PRO A 253 1.38 5.45 -10.85
C PRO A 253 1.09 4.51 -12.01
N PHE A 254 1.89 3.45 -12.18
CA PHE A 254 1.61 2.49 -13.25
C PHE A 254 0.25 1.84 -13.05
N ASN A 255 -0.04 1.42 -11.82
CA ASN A 255 -1.33 0.80 -11.53
C ASN A 255 -2.46 1.79 -11.72
N ALA A 256 -2.26 3.04 -11.28
CA ALA A 256 -3.28 4.06 -11.46
C ALA A 256 -3.56 4.27 -12.94
N TRP A 257 -2.50 4.32 -13.76
CA TRP A 257 -2.67 4.52 -15.19
C TRP A 257 -3.46 3.38 -15.82
N VAL A 258 -3.15 2.14 -15.45
CA VAL A 258 -3.95 1.00 -15.92
C VAL A 258 -5.40 1.18 -15.52
N GLN A 259 -5.64 1.56 -14.27
CA GLN A 259 -7.00 1.58 -13.75
C GLN A 259 -7.80 2.77 -14.28
N LEU A 260 -7.18 3.95 -14.39
CA LEU A 260 -7.92 5.09 -14.92
C LEU A 260 -8.31 4.87 -16.37
N LYS A 261 -7.46 4.20 -17.15
CA LYS A 261 -7.88 3.81 -18.50
C LYS A 261 -8.96 2.73 -18.43
N GLY A 262 -8.90 1.85 -17.42
CA GLY A 262 -9.94 0.84 -17.29
C GLY A 262 -11.31 1.43 -17.06
N LEU A 263 -11.36 2.54 -16.31
CA LEU A 263 -12.64 3.22 -16.06
C LEU A 263 -13.29 3.70 -17.36
N GLU A 264 -12.50 3.97 -18.41
CA GLU A 264 -13.04 4.55 -19.62
C GLU A 264 -14.03 3.63 -20.33
N THR A 265 -13.94 2.31 -20.10
CA THR A 265 -14.82 1.34 -20.72
C THR A 265 -15.71 0.62 -19.71
N LEU A 266 -15.76 1.09 -18.45
CA LEU A 266 -16.48 0.37 -17.41
C LEU A 266 -17.95 0.18 -17.77
N GLY A 267 -18.60 1.24 -18.24
CA GLY A 267 -20.02 1.15 -18.52
C GLY A 267 -20.34 0.09 -19.56
N LEU A 268 -19.64 0.12 -20.69
CA LEU A 268 -19.98 -0.82 -21.74
C LEU A 268 -19.52 -2.23 -21.40
N ARG A 269 -18.51 -2.38 -20.54
CA ARG A 269 -18.12 -3.70 -20.10
C ARG A 269 -19.16 -4.30 -19.15
N MET A 270 -19.66 -3.49 -18.21
CA MET A 270 -20.65 -4.00 -17.27
C MET A 270 -21.95 -4.39 -17.97
N GLU A 271 -22.33 -3.67 -19.03
CA GLU A 271 -23.52 -4.03 -19.79
CA GLU A 271 -23.53 -4.03 -19.78
C GLU A 271 -23.38 -5.42 -20.38
N ARG A 272 -22.23 -5.70 -21.02
CA ARG A 272 -22.02 -7.03 -21.57
C ARG A 272 -21.86 -8.06 -20.46
N HIS A 273 -21.11 -7.71 -19.40
CA HIS A 273 -21.01 -8.58 -18.23
C HIS A 273 -22.38 -9.00 -17.72
N CYS A 274 -23.27 -8.02 -17.57
CA CYS A 274 -24.58 -8.29 -16.98
C CYS A 274 -25.50 -9.02 -17.96
N ALA A 275 -25.45 -8.66 -19.25
CA ALA A 275 -26.28 -9.35 -20.21
C ALA A 275 -25.91 -10.84 -20.30
N ASN A 276 -24.61 -11.15 -20.32
CA ASN A 276 -24.17 -12.54 -20.29
C ASN A 276 -24.61 -13.23 -19.00
N ALA A 277 -24.53 -12.50 -17.88
CA ALA A 277 -24.94 -13.08 -16.60
C ALA A 277 -26.42 -13.44 -16.60
N GLN A 278 -27.26 -12.57 -17.18
CA GLN A 278 -28.71 -12.81 -17.19
C GLN A 278 -29.05 -14.08 -17.97
N LYS A 279 -28.43 -14.27 -19.14
CA LYS A 279 -28.70 -15.48 -19.92
C LYS A 279 -28.25 -16.72 -19.16
N ILE A 280 -27.03 -16.70 -18.61
CA ILE A 280 -26.48 -17.88 -17.96
C ILE A 280 -27.27 -18.23 -16.71
N ALA A 281 -27.67 -17.23 -15.92
CA ALA A 281 -28.43 -17.51 -14.71
C ALA A 281 -29.75 -18.22 -15.03
N GLU A 282 -30.50 -17.69 -16.00
CA GLU A 282 -31.78 -18.30 -16.36
C GLU A 282 -31.59 -19.69 -16.94
N TRP A 283 -30.62 -19.85 -17.85
CA TRP A 283 -30.35 -21.16 -18.42
C TRP A 283 -29.93 -22.15 -17.35
N LEU A 284 -29.15 -21.69 -16.36
CA LEU A 284 -28.76 -22.55 -15.24
C LEU A 284 -29.97 -22.99 -14.44
N GLU A 285 -30.94 -22.10 -14.24
CA GLU A 285 -32.05 -22.40 -13.36
C GLU A 285 -32.93 -23.52 -13.91
N ALA A 286 -32.99 -23.66 -15.23
CA ALA A 286 -33.80 -24.68 -15.87
C ALA A 286 -33.07 -26.01 -16.03
N ARG A 287 -31.82 -26.12 -15.55
CA ARG A 287 -31.10 -27.37 -15.65
C ARG A 287 -31.53 -28.33 -14.54
N PRO A 288 -31.75 -29.61 -14.87
CA PRO A 288 -32.12 -30.58 -13.83
C PRO A 288 -31.09 -30.75 -12.73
N GLU A 289 -29.81 -30.56 -13.05
CA GLU A 289 -28.74 -30.80 -12.09
C GLU A 289 -28.57 -29.66 -11.09
N VAL A 290 -29.29 -28.55 -11.26
CA VAL A 290 -29.11 -27.35 -10.45
C VAL A 290 -30.32 -27.18 -9.53
N ALA A 291 -30.06 -27.16 -8.22
CA ALA A 291 -31.14 -27.00 -7.24
C ALA A 291 -31.59 -25.55 -7.15
N ARG A 292 -30.66 -24.60 -7.25
CA ARG A 292 -30.98 -23.18 -7.08
C ARG A 292 -29.89 -22.33 -7.71
N VAL A 293 -30.28 -21.14 -8.17
CA VAL A 293 -29.36 -20.15 -8.70
C VAL A 293 -29.54 -18.86 -7.91
N TYR A 294 -28.42 -18.25 -7.53
CA TYR A 294 -28.40 -16.99 -6.78
C TYR A 294 -27.95 -15.88 -7.72
N TYR A 295 -28.91 -15.08 -8.20
CA TYR A 295 -28.59 -13.94 -9.07
C TYR A 295 -29.68 -12.87 -8.97
N PRO A 296 -29.30 -11.62 -8.69
CA PRO A 296 -30.32 -10.58 -8.44
C PRO A 296 -31.27 -10.31 -9.60
N GLY A 297 -30.96 -10.77 -10.80
CA GLY A 297 -31.84 -10.59 -11.93
C GLY A 297 -32.87 -11.69 -12.13
N LEU A 298 -32.94 -12.65 -11.22
CA LEU A 298 -33.94 -13.71 -11.30
C LEU A 298 -35.15 -13.35 -10.43
N ASP A 299 -36.34 -13.72 -10.92
CA ASP A 299 -37.54 -13.57 -10.10
C ASP A 299 -37.43 -14.39 -8.83
N SER A 300 -36.72 -15.51 -8.89
CA SER A 300 -36.53 -16.38 -7.73
C SER A 300 -35.64 -15.74 -6.65
N HIS A 301 -35.01 -14.61 -6.93
CA HIS A 301 -34.17 -13.97 -5.92
C HIS A 301 -35.06 -13.26 -4.90
N PRO A 302 -34.93 -13.57 -3.61
CA PRO A 302 -35.88 -13.03 -2.62
C PRO A 302 -35.85 -11.53 -2.48
N GLN A 303 -34.79 -10.86 -2.93
CA GLN A 303 -34.68 -9.41 -2.84
C GLN A 303 -34.51 -8.76 -4.20
N GLN A 304 -35.13 -9.35 -5.22
CA GLN A 304 -35.02 -8.80 -6.58
C GLN A 304 -35.40 -7.32 -6.61
N ALA A 305 -36.43 -6.94 -5.83
CA ALA A 305 -36.95 -5.57 -5.92
C ALA A 305 -36.01 -4.56 -5.28
N LEU A 306 -35.45 -4.89 -4.10
CA LEU A 306 -34.48 -3.98 -3.50
C LEU A 306 -33.25 -3.82 -4.39
N ALA A 307 -32.82 -4.91 -5.03
CA ALA A 307 -31.67 -4.84 -5.93
C ALA A 307 -31.94 -3.91 -7.12
N ALA A 308 -33.14 -4.01 -7.72
CA ALA A 308 -33.47 -3.13 -8.85
C ALA A 308 -33.64 -1.68 -8.40
N ARG A 309 -34.07 -1.46 -7.15
N ARG A 309 -34.05 -1.46 -7.15
CA ARG A 309 -34.15 -0.10 -6.62
CA ARG A 309 -34.16 -0.11 -6.61
C ARG A 309 -32.77 0.55 -6.53
C ARG A 309 -32.79 0.55 -6.51
N GLN A 310 -31.75 -0.21 -6.12
CA GLN A 310 -30.43 0.34 -5.88
C GLN A 310 -29.49 0.25 -7.08
N GLN A 311 -29.79 -0.60 -8.06
CA GLN A 311 -28.84 -0.93 -9.12
C GLN A 311 -29.46 -0.71 -10.49
N ARG A 312 -28.66 -0.18 -11.41
CA ARG A 312 -29.13 -0.02 -12.78
C ARG A 312 -29.26 -1.37 -13.49
N LEU A 313 -28.38 -2.32 -13.18
CA LEU A 313 -28.39 -3.66 -13.72
C LEU A 313 -28.10 -4.64 -12.59
N PRO A 314 -28.51 -5.90 -12.72
CA PRO A 314 -28.40 -6.83 -11.59
C PRO A 314 -26.98 -7.12 -11.14
N GLY A 315 -25.99 -7.06 -12.03
CA GLY A 315 -24.65 -7.52 -11.74
C GLY A 315 -24.26 -8.67 -12.65
N ALA A 316 -23.03 -9.16 -12.45
CA ALA A 316 -22.47 -10.18 -13.33
C ALA A 316 -21.90 -11.36 -12.55
N ILE A 317 -22.12 -11.42 -11.24
CA ILE A 317 -21.69 -12.54 -10.42
C ILE A 317 -22.93 -13.35 -10.04
N LEU A 318 -22.85 -14.66 -10.23
CA LEU A 318 -23.92 -15.57 -9.80
C LEU A 318 -23.30 -16.77 -9.10
N SER A 319 -24.11 -17.42 -8.27
CA SER A 319 -23.78 -18.69 -7.68
C SER A 319 -24.92 -19.66 -7.92
N PHE A 320 -24.62 -20.95 -7.91
CA PHE A 320 -25.66 -21.95 -8.08
C PHE A 320 -25.29 -23.22 -7.31
N ASP A 321 -26.32 -23.88 -6.80
CA ASP A 321 -26.18 -25.16 -6.10
C ASP A 321 -26.54 -26.29 -7.07
N LEU A 322 -25.63 -27.24 -7.22
CA LEU A 322 -25.94 -28.42 -8.01
C LEU A 322 -26.21 -29.59 -7.07
N HIS A 323 -27.15 -30.45 -7.47
CA HIS A 323 -27.37 -31.68 -6.73
C HIS A 323 -26.12 -32.54 -6.79
N GLY A 324 -25.75 -33.14 -5.67
CA GLY A 324 -24.55 -33.94 -5.60
C GLY A 324 -23.44 -33.34 -4.76
N GLY A 325 -23.65 -32.15 -4.22
CA GLY A 325 -22.70 -31.58 -3.27
C GLY A 325 -21.33 -31.35 -3.87
N GLN A 326 -20.31 -31.49 -3.03
CA GLN A 326 -18.94 -31.18 -3.45
C GLN A 326 -18.47 -32.10 -4.56
N LYS A 327 -18.84 -33.38 -4.49
CA LYS A 327 -18.40 -34.31 -5.53
C LYS A 327 -18.87 -33.86 -6.90
N ALA A 328 -20.13 -33.43 -7.01
CA ALA A 328 -20.64 -32.93 -8.28
C ALA A 328 -19.96 -31.63 -8.68
N ALA A 329 -19.74 -30.72 -7.72
CA ALA A 329 -19.16 -29.43 -8.05
C ALA A 329 -17.72 -29.58 -8.56
N TRP A 330 -16.95 -30.48 -7.95
CA TRP A 330 -15.59 -30.68 -8.40
C TRP A 330 -15.53 -31.37 -9.76
N ALA A 331 -16.39 -32.36 -9.99
CA ALA A 331 -16.44 -32.98 -11.31
C ALA A 331 -16.85 -31.98 -12.38
N PHE A 332 -17.80 -31.09 -12.05
CA PHE A 332 -18.26 -30.08 -12.99
C PHE A 332 -17.12 -29.17 -13.43
N VAL A 333 -16.39 -28.59 -12.47
CA VAL A 333 -15.36 -27.62 -12.84
C VAL A 333 -14.20 -28.32 -13.53
N ASP A 334 -13.87 -29.55 -13.10
CA ASP A 334 -12.72 -30.26 -13.65
C ASP A 334 -12.92 -30.59 -15.13
N ALA A 335 -14.16 -30.62 -15.61
CA ALA A 335 -14.42 -30.86 -17.02
C ALA A 335 -14.40 -29.58 -17.86
N LEU A 336 -14.36 -28.41 -17.24
CA LEU A 336 -14.37 -27.18 -18.00
C LEU A 336 -13.06 -27.00 -18.78
N ARG A 337 -13.17 -26.48 -20.00
CA ARG A 337 -12.00 -26.19 -20.83
C ARG A 337 -11.80 -24.71 -21.10
N LEU A 338 -12.81 -23.88 -20.84
CA LEU A 338 -12.77 -22.46 -21.14
C LEU A 338 -12.76 -21.58 -19.90
N LEU A 339 -13.65 -21.84 -18.96
CA LEU A 339 -13.74 -21.01 -17.77
C LEU A 339 -12.47 -21.13 -16.92
N SER A 340 -12.09 -20.03 -16.29
CA SER A 340 -10.89 -19.97 -15.45
C SER A 340 -11.19 -20.48 -14.05
N LEU A 341 -10.42 -21.48 -13.61
CA LEU A 341 -10.47 -21.95 -12.23
C LEU A 341 -9.57 -21.05 -11.40
N THR A 342 -10.15 -20.00 -10.84
CA THR A 342 -9.35 -19.02 -10.12
C THR A 342 -10.24 -18.29 -9.13
N ALA A 343 -9.65 -17.84 -8.04
CA ALA A 343 -10.38 -17.18 -6.96
C ALA A 343 -10.34 -15.66 -7.17
N ASN A 344 -11.10 -15.22 -8.17
CA ASN A 344 -11.10 -13.81 -8.56
C ASN A 344 -12.40 -13.52 -9.27
N LEU A 345 -12.74 -12.23 -9.35
CA LEU A 345 -13.89 -11.77 -10.10
C LEU A 345 -13.52 -10.50 -10.82
N GLY A 346 -14.43 -10.03 -11.68
CA GLY A 346 -14.25 -8.75 -12.34
C GLY A 346 -13.32 -8.75 -13.53
N ASP A 347 -13.14 -9.89 -14.19
CA ASP A 347 -12.27 -9.99 -15.34
C ASP A 347 -13.08 -10.21 -16.61
N ALA A 348 -12.52 -9.79 -17.74
CA ALA A 348 -13.07 -10.21 -19.02
C ALA A 348 -13.11 -11.72 -19.12
N LYS A 349 -12.13 -12.39 -18.53
CA LYS A 349 -12.11 -13.86 -18.49
C LYS A 349 -13.11 -14.33 -17.43
N THR A 350 -14.10 -15.12 -17.87
CA THR A 350 -15.03 -15.73 -16.92
C THR A 350 -14.25 -16.60 -15.93
N THR A 351 -14.57 -16.46 -14.65
CA THR A 351 -13.95 -17.29 -13.62
C THR A 351 -15.02 -18.10 -12.90
N ILE A 352 -14.59 -19.21 -12.31
CA ILE A 352 -15.45 -20.06 -11.51
C ILE A 352 -14.62 -20.57 -10.33
N THR A 353 -15.28 -20.74 -9.18
CA THR A 353 -14.60 -21.25 -8.00
C THR A 353 -15.61 -21.94 -7.10
N HIS A 354 -15.10 -22.80 -6.21
CA HIS A 354 -15.90 -23.58 -5.28
C HIS A 354 -15.65 -23.02 -3.87
N PRO A 355 -16.48 -22.10 -3.40
CA PRO A 355 -16.14 -21.35 -2.18
C PRO A 355 -15.96 -22.20 -0.94
N ALA A 356 -16.72 -23.29 -0.81
CA ALA A 356 -16.67 -24.09 0.41
C ALA A 356 -15.30 -24.70 0.64
N SER A 357 -14.55 -24.97 -0.43
CA SER A 357 -13.22 -25.55 -0.27
C SER A 357 -12.09 -24.56 -0.51
N THR A 358 -12.38 -23.34 -0.99
CA THR A 358 -11.32 -22.36 -1.21
C THR A 358 -11.49 -21.12 -0.35
N THR A 359 -12.52 -20.30 -0.59
CA THR A 359 -12.58 -19.00 0.07
C THR A 359 -13.32 -19.05 1.39
N HIS A 360 -14.12 -20.09 1.61
CA HIS A 360 -14.88 -20.28 2.84
C HIS A 360 -14.46 -21.57 3.55
N SER A 361 -13.27 -22.08 3.27
CA SER A 361 -12.85 -23.37 3.80
C SER A 361 -12.46 -23.30 5.27
N ARG A 362 -11.96 -22.15 5.73
CA ARG A 362 -11.62 -21.98 7.14
C ARG A 362 -12.86 -21.69 7.99
N VAL A 363 -13.99 -21.42 7.37
CA VAL A 363 -15.25 -21.23 8.08
C VAL A 363 -15.78 -22.58 8.52
N SER A 364 -16.57 -22.58 9.61
CA SER A 364 -17.19 -23.77 10.15
C SER A 364 -18.37 -24.21 9.28
N PRO A 365 -18.68 -25.51 9.25
CA PRO A 365 -19.85 -25.96 8.48
C PRO A 365 -21.14 -25.30 8.93
N GLU A 366 -21.33 -25.11 10.24
CA GLU A 366 -22.54 -24.48 10.73
C GLU A 366 -22.61 -23.01 10.32
N ALA A 367 -21.47 -22.30 10.37
CA ALA A 367 -21.45 -20.92 9.89
C ALA A 367 -21.74 -20.86 8.40
N ARG A 368 -21.17 -21.78 7.62
CA ARG A 368 -21.51 -21.86 6.20
C ARG A 368 -22.98 -22.20 6.02
N ALA A 369 -23.49 -23.13 6.83
CA ALA A 369 -24.92 -23.48 6.76
C ALA A 369 -25.80 -22.29 7.12
N ALA A 370 -25.41 -21.52 8.15
CA ALA A 370 -26.18 -20.32 8.51
C ALA A 370 -26.17 -19.32 7.36
N ALA A 371 -24.97 -19.05 6.80
CA ALA A 371 -24.89 -18.15 5.65
C ALA A 371 -25.63 -18.73 4.46
N GLY A 372 -25.53 -20.04 4.26
CA GLY A 372 -26.12 -20.69 3.11
C GLY A 372 -25.15 -21.04 2.01
N VAL A 373 -23.87 -21.19 2.34
CA VAL A 373 -22.83 -21.52 1.36
C VAL A 373 -22.64 -23.02 1.44
N GLY A 374 -23.40 -23.76 0.61
CA GLY A 374 -23.37 -25.20 0.65
C GLY A 374 -22.17 -25.80 -0.06
N ASP A 375 -22.05 -27.12 0.08
CA ASP A 375 -20.94 -27.84 -0.54
C ASP A 375 -21.15 -28.05 -2.04
N GLY A 376 -22.36 -27.85 -2.53
CA GLY A 376 -22.62 -27.95 -3.96
C GLY A 376 -22.67 -26.59 -4.62
N LEU A 377 -22.13 -25.58 -3.96
CA LEU A 377 -22.19 -24.20 -4.45
C LEU A 377 -20.99 -23.87 -5.31
N LEU A 378 -21.25 -23.36 -6.51
CA LEU A 378 -20.22 -22.81 -7.39
C LEU A 378 -20.51 -21.34 -7.65
N ARG A 379 -19.47 -20.53 -7.63
CA ARG A 379 -19.59 -19.10 -7.93
C ARG A 379 -18.94 -18.82 -9.27
N ILE A 380 -19.66 -18.13 -10.14
CA ILE A 380 -19.16 -17.75 -11.46
C ILE A 380 -19.14 -16.23 -11.56
N SER A 381 -17.97 -15.69 -11.89
CA SER A 381 -17.85 -14.31 -12.31
C SER A 381 -17.95 -14.31 -13.83
N VAL A 382 -19.07 -13.83 -14.35
CA VAL A 382 -19.38 -13.97 -15.77
C VAL A 382 -18.58 -12.92 -16.55
N GLY A 383 -17.76 -13.38 -17.49
CA GLY A 383 -16.91 -12.50 -18.27
C GLY A 383 -17.58 -12.01 -19.53
N LEU A 384 -16.74 -11.63 -20.49
CA LEU A 384 -17.17 -10.95 -21.70
C LEU A 384 -17.09 -11.82 -22.93
N GLU A 385 -16.75 -13.10 -22.78
CA GLU A 385 -16.72 -13.96 -23.94
C GLU A 385 -18.15 -14.28 -24.39
N HIS A 386 -18.27 -14.91 -25.55
CA HIS A 386 -19.60 -15.16 -26.09
C HIS A 386 -20.33 -16.16 -25.20
N ALA A 387 -21.56 -15.81 -24.84
CA ALA A 387 -22.35 -16.65 -23.95
C ALA A 387 -22.51 -18.06 -24.51
N ASP A 388 -22.61 -18.21 -25.83
CA ASP A 388 -22.71 -19.53 -26.42
C ASP A 388 -21.50 -20.38 -26.06
N ASP A 389 -20.30 -19.79 -26.16
CA ASP A 389 -19.09 -20.53 -25.78
C ASP A 389 -19.10 -20.84 -24.29
N LEU A 390 -19.52 -19.88 -23.46
CA LEU A 390 -19.64 -20.16 -22.04
C LEU A 390 -20.67 -21.25 -21.76
N ARG A 391 -21.82 -21.20 -22.45
N ARG A 391 -21.81 -21.20 -22.46
CA ARG A 391 -22.85 -22.22 -22.25
CA ARG A 391 -22.86 -22.20 -22.26
C ARG A 391 -22.33 -23.60 -22.62
C ARG A 391 -22.37 -23.59 -22.65
N GLU A 392 -21.67 -23.72 -23.79
CA GLU A 392 -21.20 -25.02 -24.24
C GLU A 392 -20.13 -25.58 -23.31
N ASP A 393 -19.29 -24.71 -22.73
CA ASP A 393 -18.29 -25.19 -21.78
C ASP A 393 -18.97 -25.71 -20.52
N MET A 394 -19.99 -25.00 -20.03
CA MET A 394 -20.70 -25.46 -18.84
C MET A 394 -21.44 -26.76 -19.10
N GLU A 395 -21.89 -26.99 -20.35
CA GLU A 395 -22.49 -28.27 -20.71
C GLU A 395 -21.47 -29.40 -20.61
N ARG A 396 -20.19 -29.11 -20.82
CA ARG A 396 -19.16 -30.12 -20.54
C ARG A 396 -19.15 -30.48 -19.05
N GLY A 397 -19.30 -29.48 -18.18
CA GLY A 397 -19.36 -29.76 -16.75
C GLY A 397 -20.56 -30.61 -16.38
N PHE A 398 -21.72 -30.34 -16.99
CA PHE A 398 -22.91 -31.13 -16.69
C PHE A 398 -22.80 -32.54 -17.26
N ALA A 399 -22.15 -32.70 -18.42
CA ALA A 399 -21.95 -34.03 -18.96
C ALA A 399 -21.10 -34.88 -18.03
N ALA A 400 -20.20 -34.26 -17.26
CA ALA A 400 -19.34 -34.98 -16.34
C ALA A 400 -20.10 -35.57 -15.15
N LEU A 401 -21.34 -35.15 -14.92
CA LEU A 401 -22.15 -35.69 -13.84
C LEU A 401 -22.88 -36.96 -14.23
N VAL A 402 -22.79 -37.38 -15.49
CA VAL A 402 -23.48 -38.57 -15.96
C VAL A 402 -22.53 -39.76 -15.97
N ASP B 9 24.62 -25.29 -2.81
CA ASP B 9 25.78 -25.25 -1.91
C ASP B 9 26.76 -24.16 -2.31
N TRP B 10 27.07 -24.11 -3.61
CA TRP B 10 28.05 -23.15 -4.12
C TRP B 10 27.61 -21.71 -3.90
N ALA B 11 26.30 -21.45 -4.01
CA ALA B 11 25.80 -20.08 -3.96
C ALA B 11 26.01 -19.42 -2.60
N ASP B 12 26.30 -20.20 -1.56
CA ASP B 12 26.48 -19.63 -0.23
C ASP B 12 27.68 -18.69 -0.16
N ARG B 13 28.72 -18.96 -0.93
CA ARG B 13 29.95 -18.18 -0.85
C ARG B 13 29.97 -16.99 -1.80
N LEU B 14 28.86 -16.73 -2.51
CA LEU B 14 28.82 -15.61 -3.44
C LEU B 14 28.92 -14.28 -2.72
N ARG B 15 29.68 -13.35 -3.29
CA ARG B 15 29.86 -12.02 -2.75
C ARG B 15 28.62 -11.16 -2.99
N PRO B 16 28.43 -10.10 -2.20
CA PRO B 16 27.22 -9.27 -2.35
C PRO B 16 26.98 -8.75 -3.76
N GLU B 17 28.02 -8.32 -4.48
CA GLU B 17 27.83 -7.83 -5.85
C GLU B 17 27.16 -8.89 -6.71
N THR B 18 27.61 -10.14 -6.59
CA THR B 18 27.04 -11.23 -7.38
C THR B 18 25.61 -11.54 -6.93
N ILE B 19 25.38 -11.51 -5.61
CA ILE B 19 24.05 -11.79 -5.07
C ILE B 19 23.04 -10.79 -5.60
N ALA B 20 23.41 -9.51 -5.63
CA ALA B 20 22.49 -8.46 -6.06
C ALA B 20 22.09 -8.62 -7.52
N ILE B 21 22.85 -9.36 -8.31
CA ILE B 21 22.58 -9.52 -9.73
C ILE B 21 21.89 -10.85 -10.03
N ARG B 22 22.02 -11.85 -9.16
CA ARG B 22 21.58 -13.20 -9.44
C ARG B 22 20.57 -13.77 -8.44
N ALA B 23 20.48 -13.23 -7.23
CA ALA B 23 19.58 -13.81 -6.24
C ALA B 23 18.12 -13.58 -6.61
N GLY B 24 17.26 -14.50 -6.18
CA GLY B 24 15.83 -14.40 -6.35
C GLY B 24 15.29 -14.76 -7.72
N ILE B 25 16.13 -15.24 -8.64
CA ILE B 25 15.68 -15.50 -10.00
C ILE B 25 15.05 -16.88 -10.06
N HIS B 26 13.85 -16.96 -10.63
CA HIS B 26 13.15 -18.21 -10.90
C HIS B 26 12.59 -18.11 -12.32
N ARG B 27 13.41 -18.47 -13.30
CA ARG B 27 13.02 -18.30 -14.69
C ARG B 27 11.84 -19.19 -15.04
N THR B 28 10.96 -18.68 -15.90
CA THR B 28 9.87 -19.46 -16.42
C THR B 28 10.40 -20.40 -17.50
N GLN B 29 9.51 -21.24 -18.04
CA GLN B 29 9.90 -22.12 -19.13
C GLN B 29 10.24 -21.36 -20.41
N GLU B 30 9.92 -20.06 -20.48
CA GLU B 30 10.35 -19.25 -21.61
C GLU B 30 11.85 -18.96 -21.59
N GLN B 31 12.53 -19.25 -20.47
CA GLN B 31 13.97 -19.09 -20.35
C GLN B 31 14.40 -17.63 -20.54
N GLU B 32 13.55 -16.69 -20.15
CA GLU B 32 13.87 -15.28 -20.27
C GLU B 32 15.15 -14.97 -19.50
N HIS B 33 16.07 -14.26 -20.17
CA HIS B 33 17.31 -13.88 -19.49
C HIS B 33 17.04 -12.88 -18.38
N SER B 34 16.17 -11.91 -18.62
CA SER B 34 15.89 -10.85 -17.67
C SER B 34 14.56 -11.10 -16.96
N GLU B 35 14.45 -10.58 -15.75
CA GLU B 35 13.31 -10.87 -14.88
C GLU B 35 12.01 -10.35 -15.48
N ALA B 36 10.97 -11.16 -15.42
CA ALA B 36 9.69 -10.83 -16.03
C ALA B 36 8.82 -10.03 -15.07
N ILE B 37 7.85 -9.32 -15.63
CA ILE B 37 6.85 -8.60 -14.86
C ILE B 37 5.56 -9.41 -14.89
N PHE B 38 4.99 -9.68 -13.72
CA PHE B 38 3.74 -10.40 -13.66
C PHE B 38 2.64 -9.47 -13.17
N PRO B 39 2.04 -8.68 -14.07
CA PRO B 39 0.85 -7.92 -13.68
C PRO B 39 -0.37 -8.82 -13.72
N THR B 40 -0.61 -9.54 -12.64
CA THR B 40 -1.77 -10.42 -12.53
C THR B 40 -2.25 -10.34 -11.10
N SER B 41 -3.57 -10.39 -10.89
CA SER B 41 -4.08 -10.37 -9.54
CA SER B 41 -4.13 -10.37 -9.56
C SER B 41 -4.42 -11.75 -8.98
N SER B 42 -4.56 -12.77 -9.83
CA SER B 42 -4.87 -14.12 -9.36
C SER B 42 -4.14 -15.14 -10.21
N PHE B 43 -4.35 -16.42 -9.89
CA PHE B 43 -3.66 -17.51 -10.55
C PHE B 43 -4.62 -18.66 -10.80
N VAL B 44 -4.38 -19.40 -11.88
CA VAL B 44 -5.30 -20.43 -12.36
C VAL B 44 -4.83 -21.78 -11.84
N PHE B 45 -5.78 -22.56 -11.32
CA PHE B 45 -5.52 -23.91 -10.84
C PHE B 45 -5.92 -24.93 -11.90
N ASP B 46 -5.21 -26.05 -11.92
CA ASP B 46 -5.46 -27.09 -12.93
C ASP B 46 -6.74 -27.86 -12.63
N SER B 47 -7.13 -27.95 -11.36
CA SER B 47 -8.27 -28.76 -10.97
C SER B 47 -8.88 -28.20 -9.70
N ALA B 48 -10.10 -28.64 -9.41
CA ALA B 48 -10.73 -28.27 -8.14
C ALA B 48 -9.87 -28.73 -6.96
N GLU B 49 -9.30 -29.94 -7.07
CA GLU B 49 -8.50 -30.48 -5.97
CA GLU B 49 -8.51 -30.47 -5.96
C GLU B 49 -7.28 -29.61 -5.69
N GLU B 50 -6.58 -29.18 -6.74
CA GLU B 50 -5.39 -28.35 -6.53
C GLU B 50 -5.78 -27.02 -5.89
N ALA B 51 -6.94 -26.48 -6.26
CA ALA B 51 -7.42 -25.24 -5.65
C ALA B 51 -7.66 -25.40 -4.16
N ALA B 52 -8.30 -26.50 -3.77
CA ALA B 52 -8.52 -26.75 -2.35
C ALA B 52 -7.21 -26.97 -1.61
N ASP B 53 -6.30 -27.74 -2.21
CA ASP B 53 -5.01 -28.00 -1.56
C ASP B 53 -4.22 -26.72 -1.39
N ARG B 54 -4.21 -25.86 -2.40
CA ARG B 54 -3.44 -24.63 -2.30
C ARG B 54 -4.02 -23.69 -1.25
N PHE B 55 -5.35 -23.61 -1.16
CA PHE B 55 -5.97 -22.78 -0.13
C PHE B 55 -5.75 -23.34 1.27
N ALA B 56 -5.70 -24.67 1.40
CA ALA B 56 -5.42 -25.27 2.71
C ALA B 56 -3.94 -25.25 3.06
N GLY B 57 -3.05 -24.95 2.10
CA GLY B 57 -1.63 -24.95 2.36
C GLY B 57 -0.95 -26.29 2.24
N ARG B 58 -1.62 -27.28 1.64
CA ARG B 58 -1.03 -28.62 1.49
C ARG B 58 0.07 -28.64 0.43
N VAL B 59 -0.03 -27.76 -0.56
CA VAL B 59 0.94 -27.72 -1.65
C VAL B 59 1.45 -26.29 -1.81
N PRO B 60 2.65 -26.09 -2.32
CA PRO B 60 3.12 -24.74 -2.63
C PRO B 60 2.57 -24.24 -3.96
N GLY B 61 2.37 -22.94 -4.05
CA GLY B 61 1.90 -22.33 -5.28
C GLY B 61 1.31 -20.97 -5.04
N ASN B 62 0.97 -20.32 -6.16
CA ASN B 62 0.44 -18.96 -6.15
C ASN B 62 -1.08 -18.98 -6.00
N ILE B 63 -1.62 -18.04 -5.22
CA ILE B 63 -3.05 -17.95 -4.95
C ILE B 63 -3.59 -16.60 -5.41
N TYR B 64 -3.05 -15.53 -4.82
CA TYR B 64 -3.49 -14.17 -5.10
C TYR B 64 -2.29 -13.24 -4.98
N ALA B 65 -2.27 -12.20 -5.81
CA ALA B 65 -1.11 -11.33 -5.93
C ALA B 65 -0.83 -10.52 -4.67
N ARG B 66 -1.83 -10.33 -3.80
CA ARG B 66 -1.63 -9.55 -2.59
C ARG B 66 -0.71 -10.24 -1.58
N PHE B 67 -0.43 -11.53 -1.75
CA PHE B 67 0.55 -12.22 -0.91
C PHE B 67 1.54 -13.11 -1.66
N THR B 68 1.33 -13.39 -2.94
CA THR B 68 2.30 -14.14 -3.75
C THR B 68 2.29 -13.58 -5.16
N ASN B 69 3.34 -12.84 -5.52
CA ASN B 69 3.54 -12.39 -6.89
C ASN B 69 5.00 -12.67 -7.26
N PRO B 70 5.26 -13.37 -8.37
CA PRO B 70 6.64 -13.77 -8.68
C PRO B 70 7.61 -12.62 -8.80
N THR B 71 7.19 -11.49 -9.38
CA THR B 71 8.08 -10.34 -9.51
C THR B 71 8.42 -9.76 -8.14
N VAL B 72 7.42 -9.63 -7.26
CA VAL B 72 7.66 -9.12 -5.91
C VAL B 72 8.56 -10.10 -5.16
N ARG B 73 8.34 -11.40 -5.35
CA ARG B 73 9.13 -12.41 -4.65
C ARG B 73 10.60 -12.30 -4.99
N THR B 74 10.92 -12.01 -6.26
CA THR B 74 12.31 -11.84 -6.65
C THR B 74 12.95 -10.66 -5.91
N PHE B 75 12.22 -9.54 -5.80
CA PHE B 75 12.73 -8.39 -5.07
C PHE B 75 12.97 -8.74 -3.60
N GLU B 76 11.99 -9.39 -2.96
CA GLU B 76 12.12 -9.72 -1.54
C GLU B 76 13.31 -10.63 -1.28
N GLU B 77 13.42 -11.73 -2.04
CA GLU B 77 14.52 -12.66 -1.83
C GLU B 77 15.86 -12.00 -2.10
N ARG B 78 15.93 -11.16 -3.14
CA ARG B 78 17.18 -10.48 -3.45
C ARG B 78 17.58 -9.51 -2.34
N LEU B 79 16.63 -8.69 -1.87
CA LEU B 79 16.95 -7.75 -0.81
C LEU B 79 17.29 -8.47 0.48
N ALA B 80 16.52 -9.50 0.82
CA ALA B 80 16.82 -10.32 2.00
C ALA B 80 18.24 -10.84 1.95
N ALA B 81 18.64 -11.40 0.81
CA ALA B 81 19.98 -11.94 0.69
C ALA B 81 21.04 -10.85 0.86
N LEU B 82 20.72 -9.62 0.48
CA LEU B 82 21.69 -8.53 0.66
C LEU B 82 21.77 -8.08 2.11
N GLU B 83 20.71 -8.28 2.88
CA GLU B 83 20.73 -7.97 4.30
C GLU B 83 21.18 -9.15 5.15
N GLY B 84 21.39 -10.32 4.56
CA GLY B 84 21.70 -11.50 5.35
C GLY B 84 20.52 -12.01 6.14
N ALA B 85 19.31 -11.62 5.76
CA ALA B 85 18.09 -12.01 6.44
C ALA B 85 17.53 -13.29 5.84
N GLU B 86 16.77 -14.03 6.65
CA GLU B 86 16.11 -15.23 6.14
C GLU B 86 14.95 -14.87 5.24
N ALA B 87 14.23 -13.80 5.56
CA ALA B 87 12.97 -13.49 4.91
C ALA B 87 12.83 -11.99 4.73
N CYS B 88 11.99 -11.62 3.77
CA CYS B 88 11.65 -10.23 3.52
C CYS B 88 10.24 -10.19 2.96
N VAL B 89 9.49 -9.15 3.32
CA VAL B 89 8.17 -8.92 2.75
C VAL B 89 8.09 -7.49 2.27
N ALA B 90 7.63 -7.30 1.04
CA ALA B 90 7.64 -5.99 0.40
C ALA B 90 6.34 -5.26 0.69
N THR B 91 6.43 -3.92 0.67
CA THR B 91 5.32 -3.05 0.97
C THR B 91 5.22 -1.94 -0.07
N ALA B 92 4.07 -1.26 -0.07
CA ALA B 92 3.82 -0.23 -1.07
C ALA B 92 4.76 0.96 -0.94
N SER B 93 5.33 1.19 0.24
CA SER B 93 6.21 2.31 0.49
C SER B 93 7.01 2.02 1.75
N GLY B 94 8.03 2.84 1.99
CA GLY B 94 8.79 2.73 3.23
C GLY B 94 7.92 2.97 4.45
N MET B 95 7.03 3.95 4.38
CA MET B 95 6.08 4.17 5.46
C MET B 95 5.20 2.96 5.68
N ALA B 96 4.75 2.32 4.59
CA ALA B 96 3.97 1.10 4.75
C ALA B 96 4.81 -0.01 5.36
N ALA B 97 6.14 0.01 5.15
CA ALA B 97 7.00 -0.94 5.85
C ALA B 97 7.05 -0.64 7.34
N CYS B 98 7.11 0.64 7.71
CA CYS B 98 7.01 1.01 9.12
C CYS B 98 5.67 0.59 9.69
N LEU B 99 4.59 0.86 8.95
CA LEU B 99 3.26 0.42 9.39
C LEU B 99 3.24 -1.08 9.61
N THR B 100 3.86 -1.85 8.70
CA THR B 100 3.86 -3.30 8.81
C THR B 100 4.63 -3.78 10.05
N ALA B 101 5.81 -3.21 10.30
CA ALA B 101 6.57 -3.62 11.47
C ALA B 101 5.82 -3.33 12.75
N PHE B 102 5.21 -2.14 12.85
CA PHE B 102 4.50 -1.77 14.06
C PHE B 102 3.24 -2.61 14.26
N MET B 103 2.37 -2.64 13.26
CA MET B 103 1.10 -3.33 13.44
C MET B 103 1.26 -4.84 13.36
N GLY B 104 2.28 -5.33 12.66
CA GLY B 104 2.51 -6.75 12.65
C GLY B 104 3.04 -7.28 13.96
N ILE B 105 3.68 -6.43 14.76
CA ILE B 105 4.41 -6.85 15.94
C ILE B 105 3.73 -6.38 17.21
N LEU B 106 3.16 -5.17 17.21
CA LEU B 106 2.62 -4.59 18.42
C LEU B 106 1.14 -4.91 18.56
N LYS B 107 0.57 -4.42 19.66
CA LYS B 107 -0.87 -4.46 19.88
C LYS B 107 -1.21 -3.31 20.82
N ALA B 108 -2.51 -3.08 21.00
CA ALA B 108 -2.94 -2.03 21.93
C ALA B 108 -2.39 -2.32 23.32
N GLY B 109 -1.80 -1.29 23.93
CA GLY B 109 -1.20 -1.42 25.25
C GLY B 109 0.31 -1.55 25.24
N ASP B 110 0.92 -1.72 24.07
CA ASP B 110 2.37 -1.78 23.96
C ASP B 110 2.95 -0.37 23.92
N HIS B 111 4.24 -0.29 24.24
CA HIS B 111 4.96 0.98 24.26
C HIS B 111 6.21 0.88 23.39
N VAL B 112 6.54 1.99 22.75
CA VAL B 112 7.67 2.07 21.81
C VAL B 112 8.60 3.17 22.27
N VAL B 113 9.90 2.89 22.30
CA VAL B 113 10.93 3.91 22.42
C VAL B 113 11.54 4.10 21.04
N ALA B 114 11.56 5.34 20.56
CA ALA B 114 12.01 5.64 19.22
C ALA B 114 12.96 6.83 19.24
N SER B 115 13.95 6.79 18.35
CA SER B 115 14.85 7.92 18.21
C SER B 115 14.06 9.15 17.78
N ARG B 116 14.35 10.27 18.44
CA ARG B 116 13.61 11.52 18.18
C ARG B 116 13.80 11.99 16.74
N SER B 117 14.92 11.62 16.12
CA SER B 117 15.30 12.15 14.81
C SER B 117 14.80 11.30 13.65
N ILE B 118 13.97 10.28 13.90
CA ILE B 118 13.51 9.45 12.79
C ILE B 118 12.69 10.28 11.79
N PHE B 119 12.55 9.73 10.59
CA PHE B 119 11.76 10.34 9.51
C PHE B 119 10.51 10.99 10.07
N GLY B 120 10.30 12.26 9.70
CA GLY B 120 9.22 13.03 10.29
C GLY B 120 7.87 12.37 10.14
N THR B 121 7.62 11.73 8.99
CA THR B 121 6.36 11.03 8.80
C THR B 121 6.25 9.83 9.72
N THR B 122 7.36 9.15 10.01
CA THR B 122 7.31 8.05 10.96
C THR B 122 6.94 8.55 12.36
N VAL B 123 7.46 9.72 12.75
CA VAL B 123 7.07 10.34 14.01
C VAL B 123 5.55 10.51 14.06
N GLN B 124 4.96 11.01 12.97
CA GLN B 124 3.51 11.17 12.91
C GLN B 124 2.78 9.83 12.94
N LEU B 125 3.31 8.82 12.24
CA LEU B 125 2.65 7.52 12.22
C LEU B 125 2.57 6.92 13.62
N LEU B 126 3.66 7.01 14.38
CA LEU B 126 3.64 6.55 15.76
C LEU B 126 2.85 7.51 16.64
N GLY B 127 3.23 8.78 16.65
CA GLY B 127 2.68 9.74 17.61
C GLY B 127 1.25 10.16 17.35
N ASN B 128 0.78 10.09 16.12
CA ASN B 128 -0.55 10.57 15.81
C ASN B 128 -1.52 9.49 15.32
N ILE B 129 -1.04 8.48 14.61
CA ILE B 129 -1.94 7.45 14.08
C ILE B 129 -2.06 6.30 15.08
N LEU B 130 -0.94 5.63 15.37
CA LEU B 130 -1.00 4.45 16.23
C LEU B 130 -1.35 4.82 17.66
N SER B 131 -1.04 6.04 18.09
CA SER B 131 -1.46 6.50 19.42
C SER B 131 -2.97 6.36 19.60
N ARG B 132 -3.74 6.62 18.54
CA ARG B 132 -5.17 6.46 18.61
C ARG B 132 -5.60 5.00 18.65
N PHE B 133 -4.67 4.05 18.47
CA PHE B 133 -5.00 2.64 18.52
C PHE B 133 -4.25 1.92 19.64
N GLY B 134 -3.97 2.65 20.72
CA GLY B 134 -3.45 2.05 21.94
C GLY B 134 -1.95 1.89 22.01
N VAL B 135 -1.20 2.45 21.07
CA VAL B 135 0.26 2.33 21.05
C VAL B 135 0.86 3.62 21.60
N GLU B 136 1.64 3.50 22.67
CA GLU B 136 2.31 4.63 23.29
C GLU B 136 3.76 4.70 22.81
N THR B 137 4.25 5.92 22.58
CA THR B 137 5.59 6.13 22.07
C THR B 137 6.31 7.20 22.89
N SER B 138 7.58 6.95 23.20
CA SER B 138 8.47 7.93 23.78
C SER B 138 9.67 8.13 22.85
N PHE B 139 10.13 9.37 22.74
CA PHE B 139 11.20 9.73 21.83
C PHE B 139 12.43 10.19 22.61
N VAL B 140 13.59 9.67 22.25
CA VAL B 140 14.83 9.94 22.97
C VAL B 140 15.91 10.34 21.98
N PRO B 141 16.97 11.01 22.43
CA PRO B 141 18.10 11.29 21.54
C PRO B 141 18.79 10.01 21.10
N LEU B 142 19.22 9.99 19.83
CA LEU B 142 19.70 8.74 19.23
C LEU B 142 20.93 8.19 19.94
N ALA B 143 21.94 9.04 20.18
CA ALA B 143 23.21 8.55 20.71
C ALA B 143 23.21 8.41 22.22
N ASP B 144 22.18 8.88 22.92
CA ASP B 144 22.14 8.88 24.37
C ASP B 144 21.57 7.54 24.85
N VAL B 145 22.45 6.55 25.01
CA VAL B 145 22.01 5.24 25.50
C VAL B 145 21.35 5.33 26.87
N PRO B 146 21.86 6.11 27.84
CA PRO B 146 21.12 6.25 29.11
C PRO B 146 19.70 6.74 28.93
N ALA B 147 19.47 7.68 28.01
CA ALA B 147 18.11 8.18 27.79
C ALA B 147 17.19 7.07 27.26
N TRP B 148 17.72 6.22 26.37
CA TRP B 148 16.96 5.06 25.93
C TRP B 148 16.52 4.20 27.12
N ARG B 149 17.46 3.90 28.02
CA ARG B 149 17.16 3.02 29.16
C ARG B 149 16.12 3.64 30.08
N ALA B 150 16.21 4.95 30.32
CA ALA B 150 15.26 5.62 31.20
C ALA B 150 13.84 5.63 30.62
N ALA B 151 13.71 5.71 29.29
CA ALA B 151 12.38 5.73 28.68
C ALA B 151 11.71 4.36 28.65
N LEU B 152 12.44 3.30 28.98
CA LEU B 152 11.84 1.97 29.03
C LEU B 152 10.69 1.93 30.03
N ARG B 153 9.63 1.21 29.66
CA ARG B 153 8.49 0.93 30.51
C ARG B 153 8.31 -0.58 30.61
N PRO B 154 7.54 -1.07 31.58
CA PRO B 154 7.26 -2.51 31.61
C PRO B 154 6.57 -3.03 30.35
N ASN B 155 5.78 -2.20 29.67
CA ASN B 155 5.07 -2.62 28.47
C ASN B 155 5.81 -2.25 27.18
N THR B 156 7.08 -1.85 27.27
CA THR B 156 7.88 -1.56 26.08
C THR B 156 8.16 -2.84 25.32
N ARG B 157 7.76 -2.87 24.04
CA ARG B 157 7.98 -4.04 23.21
C ARG B 157 8.90 -3.78 22.02
N MET B 158 9.25 -2.52 21.74
CA MET B 158 10.02 -2.22 20.55
C MET B 158 10.89 -0.99 20.78
N LEU B 159 12.10 -1.04 20.25
CA LEU B 159 12.97 0.11 20.10
C LEU B 159 13.16 0.37 18.61
N PHE B 160 12.87 1.59 18.17
CA PHE B 160 12.90 1.94 16.76
C PHE B 160 13.89 3.08 16.52
N LEU B 161 14.72 2.96 15.48
CA LEU B 161 15.66 4.01 15.18
C LEU B 161 16.11 3.92 13.73
N GLU B 162 16.70 5.02 13.27
CA GLU B 162 17.52 5.05 12.06
C GLU B 162 18.94 5.36 12.46
N THR B 163 19.91 4.79 11.74
CA THR B 163 21.31 5.19 11.91
C THR B 163 22.05 4.99 10.59
N PRO B 164 22.80 5.98 10.10
CA PRO B 164 22.91 7.36 10.58
C PRO B 164 21.58 8.09 10.55
N SER B 165 21.43 9.12 11.36
CA SER B 165 20.18 9.85 11.43
C SER B 165 20.13 10.93 10.34
N ASN B 166 18.94 11.45 10.12
CA ASN B 166 18.74 12.59 9.26
C ASN B 166 18.22 13.78 10.07
N PRO B 167 18.76 14.98 9.86
CA PRO B 167 19.80 15.36 8.89
C PRO B 167 21.20 15.50 9.49
N LEU B 168 21.40 15.18 10.78
CA LEU B 168 22.69 15.40 11.42
C LEU B 168 23.65 14.23 11.28
N THR B 169 23.21 13.12 10.69
CA THR B 169 24.01 11.90 10.58
C THR B 169 24.55 11.45 11.93
N GLU B 170 23.72 11.59 12.95
CA GLU B 170 24.07 11.04 14.25
C GLU B 170 23.98 9.51 14.20
N ILE B 171 24.72 8.85 15.08
CA ILE B 171 24.89 7.41 15.03
C ILE B 171 24.25 6.77 16.25
N GLY B 172 23.55 5.67 16.02
CA GLY B 172 22.98 4.87 17.09
C GLY B 172 23.79 3.60 17.27
N ASP B 173 24.09 3.28 18.54
CA ASP B 173 24.86 2.10 18.91
C ASP B 173 23.92 0.90 18.83
N MET B 174 23.89 0.27 17.66
CA MET B 174 22.93 -0.79 17.39
C MET B 174 23.08 -1.95 18.38
N GLN B 175 24.31 -2.41 18.59
CA GLN B 175 24.51 -3.56 19.45
C GLN B 175 24.06 -3.27 20.87
N ALA B 176 24.43 -2.09 21.41
CA ALA B 176 24.04 -1.74 22.76
C ALA B 176 22.53 -1.63 22.88
N LEU B 177 21.87 -1.07 21.87
CA LEU B 177 20.42 -0.95 21.92
C LEU B 177 19.75 -2.29 21.71
N ALA B 178 20.34 -3.16 20.89
CA ALA B 178 19.85 -4.53 20.77
C ALA B 178 19.89 -5.23 22.11
N ASP B 179 21.02 -5.12 22.82
CA ASP B 179 21.15 -5.72 24.14
C ASP B 179 20.12 -5.12 25.10
N LEU B 180 19.93 -3.81 25.06
CA LEU B 180 18.94 -3.15 25.91
C LEU B 180 17.55 -3.71 25.63
N ALA B 181 17.18 -3.81 24.35
CA ALA B 181 15.86 -4.29 24.00
C ALA B 181 15.65 -5.75 24.44
N HIS B 182 16.66 -6.59 24.20
CA HIS B 182 16.48 -8.02 24.40
C HIS B 182 16.42 -8.39 25.89
N VAL B 183 17.19 -7.68 26.73
CA VAL B 183 17.09 -7.91 28.17
C VAL B 183 15.68 -7.60 28.67
N HIS B 184 14.98 -6.66 28.02
CA HIS B 184 13.63 -6.29 28.43
C HIS B 184 12.56 -6.87 27.52
N ASP B 185 12.87 -7.97 26.82
CA ASP B 185 11.89 -8.70 26.02
C ASP B 185 11.21 -7.79 24.99
N ALA B 186 12.01 -6.93 24.37
CA ALA B 186 11.57 -6.06 23.29
C ALA B 186 12.42 -6.31 22.06
N TRP B 187 11.89 -5.93 20.90
CA TRP B 187 12.60 -6.07 19.63
C TRP B 187 13.29 -4.76 19.27
N LEU B 188 14.41 -4.88 18.59
CA LEU B 188 15.10 -3.74 18.00
C LEU B 188 14.77 -3.69 16.52
N VAL B 189 14.25 -2.55 16.07
CA VAL B 189 13.85 -2.35 14.68
C VAL B 189 14.67 -1.18 14.14
N VAL B 190 15.41 -1.40 13.06
CA VAL B 190 16.30 -0.41 12.50
C VAL B 190 15.87 -0.09 11.08
N ASP B 191 15.64 1.20 10.82
CA ASP B 191 15.37 1.72 9.49
C ASP B 191 16.71 2.01 8.82
N ASN B 192 16.98 1.34 7.70
CA ASN B 192 18.31 1.28 7.12
C ASN B 192 18.40 2.04 5.79
N CYS B 193 17.57 3.07 5.61
CA CYS B 193 17.55 3.81 4.33
C CYS B 193 18.85 4.56 4.07
N PHE B 194 19.46 5.11 5.12
CA PHE B 194 20.63 5.97 4.95
C PHE B 194 21.79 5.21 4.31
N CYS B 195 22.02 3.97 4.74
CA CYS B 195 23.18 3.19 4.30
C CYS B 195 22.88 2.13 3.25
N THR B 196 21.69 1.50 3.30
CA THR B 196 21.31 0.34 2.48
C THR B 196 22.10 -0.89 2.89
N PRO B 197 21.70 -2.10 2.48
CA PRO B 197 22.51 -3.29 2.84
C PRO B 197 23.90 -3.31 2.21
N ALA B 198 24.17 -2.47 1.22
CA ALA B 198 25.52 -2.41 0.65
C ALA B 198 26.53 -1.84 1.63
N LEU B 199 26.09 -1.05 2.61
CA LEU B 199 26.99 -0.42 3.57
C LEU B 199 26.79 -0.89 5.01
N GLN B 200 25.60 -1.34 5.37
CA GLN B 200 25.31 -1.64 6.76
C GLN B 200 24.31 -2.79 6.83
N GLN B 201 24.53 -3.73 7.75
CA GLN B 201 23.64 -4.86 7.95
C GLN B 201 23.28 -4.91 9.43
N PRO B 202 22.18 -4.25 9.82
CA PRO B 202 21.83 -4.18 11.25
C PRO B 202 21.59 -5.54 11.89
N LEU B 203 21.30 -6.59 11.12
CA LEU B 203 21.13 -7.91 11.73
C LEU B 203 22.41 -8.38 12.39
N LYS B 204 23.58 -7.98 11.88
CA LYS B 204 24.86 -8.36 12.47
C LYS B 204 25.11 -7.66 13.80
N PHE B 205 24.31 -6.66 14.16
CA PHE B 205 24.44 -5.97 15.43
C PHE B 205 23.22 -6.16 16.30
N GLY B 206 22.47 -7.24 16.08
CA GLY B 206 21.39 -7.63 16.96
C GLY B 206 20.01 -7.11 16.62
N ALA B 207 19.84 -6.39 15.51
CA ALA B 207 18.51 -5.96 15.09
C ALA B 207 17.63 -7.17 14.83
N ASP B 208 16.33 -7.02 15.12
CA ASP B 208 15.35 -8.05 14.86
C ASP B 208 14.60 -7.85 13.56
N LEU B 209 14.30 -6.60 13.20
CA LEU B 209 13.73 -6.24 11.91
C LEU B 209 14.53 -5.11 11.29
N VAL B 210 14.69 -5.16 9.97
CA VAL B 210 15.33 -4.10 9.21
C VAL B 210 14.28 -3.53 8.25
N ILE B 211 14.06 -2.23 8.33
CA ILE B 211 13.04 -1.55 7.53
C ILE B 211 13.73 -0.86 6.37
N HIS B 212 13.13 -0.92 5.18
CA HIS B 212 13.68 -0.28 4.01
C HIS B 212 12.63 0.54 3.31
N SER B 213 13.05 1.68 2.78
CA SER B 213 12.33 2.41 1.76
C SER B 213 13.02 2.12 0.44
N ALA B 214 12.37 1.32 -0.40
CA ALA B 214 12.89 1.08 -1.74
C ALA B 214 12.89 2.36 -2.56
N THR B 215 12.10 3.34 -2.12
CA THR B 215 12.02 4.63 -2.79
C THR B 215 13.38 5.32 -2.88
N LYS B 216 14.28 5.08 -1.91
CA LYS B 216 15.43 5.96 -1.88
C LYS B 216 16.62 5.44 -2.68
N TYR B 217 17.42 4.52 -2.13
CA TYR B 217 18.65 4.11 -2.80
C TYR B 217 18.51 2.78 -3.55
N LEU B 218 17.61 1.91 -3.09
CA LEU B 218 17.40 0.66 -3.79
C LEU B 218 16.91 0.92 -5.22
N ASP B 219 15.88 1.75 -5.37
CA ASP B 219 15.54 2.29 -6.69
C ASP B 219 16.70 3.10 -7.22
N GLY B 220 17.16 4.08 -6.44
CA GLY B 220 18.34 4.83 -6.76
C GLY B 220 18.14 5.95 -7.76
N GLN B 221 16.95 6.07 -8.36
CA GLN B 221 16.79 7.06 -9.43
C GLN B 221 15.45 7.79 -9.37
N GLY B 222 14.79 7.82 -8.21
CA GLY B 222 13.64 8.68 -8.01
C GLY B 222 12.36 8.27 -8.72
N ARG B 223 12.25 7.01 -9.12
CA ARG B 223 11.15 6.62 -10.01
C ARG B 223 9.93 6.11 -9.27
N THR B 224 10.10 5.34 -8.20
CA THR B 224 8.99 4.58 -7.64
C THR B 224 8.97 4.70 -6.13
N LEU B 225 7.83 4.29 -5.56
CA LEU B 225 7.67 4.10 -4.12
C LEU B 225 7.69 2.60 -3.81
N GLY B 226 8.32 2.26 -2.69
CA GLY B 226 8.30 0.88 -2.23
C GLY B 226 8.99 0.77 -0.89
N GLY B 227 8.65 -0.29 -0.17
CA GLY B 227 9.28 -0.58 1.10
C GLY B 227 9.47 -2.07 1.30
N ALA B 228 10.12 -2.42 2.41
CA ALA B 228 10.35 -3.82 2.74
C ALA B 228 10.70 -3.96 4.21
N VAL B 229 10.35 -5.11 4.77
CA VAL B 229 10.67 -5.49 6.14
C VAL B 229 11.49 -6.78 6.05
N CYS B 230 12.68 -6.75 6.62
CA CYS B 230 13.59 -7.90 6.59
C CYS B 230 13.80 -8.44 8.00
N GLY B 231 13.85 -9.76 8.12
CA GLY B 231 14.05 -10.40 9.41
C GLY B 231 14.02 -11.90 9.27
N SER B 232 14.01 -12.57 10.42
CA SER B 232 13.94 -14.02 10.45
C SER B 232 12.61 -14.51 9.87
N THR B 233 12.63 -15.72 9.31
CA THR B 233 11.39 -16.34 8.86
C THR B 233 10.36 -16.39 9.97
N GLU B 234 10.80 -16.76 11.18
CA GLU B 234 9.89 -16.92 12.31
C GLU B 234 9.23 -15.61 12.71
N LEU B 235 10.00 -14.52 12.76
CA LEU B 235 9.43 -13.25 13.20
C LEU B 235 8.49 -12.67 12.14
N LEU B 236 8.90 -12.68 10.87
CA LEU B 236 8.01 -12.20 9.82
C LEU B 236 6.74 -13.02 9.75
N ASN B 237 6.79 -14.30 10.12
CA ASN B 237 5.62 -15.15 10.13
C ASN B 237 4.76 -14.96 11.36
N SER B 238 5.21 -14.13 12.31
CA SER B 238 4.46 -13.86 13.52
C SER B 238 3.60 -12.60 13.41
N GLY B 239 3.22 -12.21 12.20
CA GLY B 239 2.29 -11.10 12.03
C GLY B 239 2.59 -10.10 10.92
N PRO B 240 3.87 -9.78 10.67
CA PRO B 240 4.16 -8.85 9.56
C PRO B 240 3.66 -9.33 8.21
N ARG B 241 3.95 -10.59 7.85
CA ARG B 241 3.52 -11.11 6.56
C ARG B 241 2.00 -11.18 6.47
N ASN B 242 1.34 -11.64 7.54
CA ASN B 242 -0.12 -11.68 7.53
C ASN B 242 -0.69 -10.28 7.38
N PHE B 243 -0.08 -9.30 8.03
CA PHE B 243 -0.55 -7.91 7.92
C PHE B 243 -0.54 -7.43 6.48
N VAL B 244 0.58 -7.64 5.78
CA VAL B 244 0.68 -7.24 4.38
C VAL B 244 -0.39 -7.96 3.55
N ARG B 245 -0.58 -9.25 3.81
CA ARG B 245 -1.57 -10.03 3.07
C ARG B 245 -2.99 -9.56 3.35
N THR B 246 -3.29 -9.17 4.58
CA THR B 246 -4.65 -8.88 5.01
C THR B 246 -4.99 -7.40 4.94
N ALA B 247 -4.13 -6.52 5.43
CA ALA B 247 -4.36 -5.08 5.32
C ALA B 247 -3.97 -4.54 3.95
N GLY B 248 -3.23 -5.32 3.16
CA GLY B 248 -2.96 -5.02 1.77
C GLY B 248 -2.13 -3.81 1.36
N PRO B 249 -1.10 -3.41 2.14
CA PRO B 249 -0.18 -2.40 1.58
C PRO B 249 0.87 -3.03 0.68
N SER B 250 0.42 -3.72 -0.36
CA SER B 250 1.33 -4.54 -1.14
C SER B 250 2.03 -3.71 -2.22
N LEU B 251 3.12 -4.27 -2.72
CA LEU B 251 3.98 -3.60 -3.68
C LEU B 251 3.58 -4.01 -5.09
N SER B 252 3.44 -3.03 -5.96
CA SER B 252 3.11 -3.30 -7.35
C SER B 252 4.27 -4.04 -8.03
N PRO B 253 3.96 -5.03 -8.87
CA PRO B 253 5.04 -5.71 -9.61
C PRO B 253 5.82 -4.78 -10.53
N PHE B 254 5.19 -3.75 -11.10
CA PHE B 254 5.95 -2.76 -11.86
C PHE B 254 7.02 -2.12 -10.98
N ASN B 255 6.63 -1.68 -9.79
CA ASN B 255 7.58 -1.07 -8.86
C ASN B 255 8.63 -2.09 -8.41
N ALA B 256 8.20 -3.32 -8.10
CA ALA B 256 9.14 -4.35 -7.67
C ALA B 256 10.17 -4.62 -8.76
N TRP B 257 9.74 -4.61 -10.02
CA TRP B 257 10.64 -4.84 -11.14
C TRP B 257 11.68 -3.73 -11.26
N VAL B 258 11.24 -2.47 -11.13
CA VAL B 258 12.18 -1.35 -11.12
C VAL B 258 13.18 -1.51 -9.98
N GLN B 259 12.68 -1.88 -8.80
CA GLN B 259 13.52 -1.90 -7.61
C GLN B 259 14.48 -3.09 -7.60
N LEU B 260 14.02 -4.26 -8.04
CA LEU B 260 14.93 -5.40 -8.09
C LEU B 260 16.05 -5.16 -9.11
N LYS B 261 15.74 -4.48 -10.21
CA LYS B 261 16.80 -4.10 -11.15
C LYS B 261 17.71 -3.04 -10.54
N GLY B 262 17.16 -2.12 -9.75
CA GLY B 262 18.01 -1.14 -9.08
C GLY B 262 19.00 -1.79 -8.13
N LEU B 263 18.58 -2.86 -7.46
CA LEU B 263 19.47 -3.58 -6.55
C LEU B 263 20.73 -4.06 -7.26
N GLU B 264 20.64 -4.37 -8.56
CA GLU B 264 21.77 -4.95 -9.27
C GLU B 264 22.99 -4.03 -9.30
N THR B 265 22.78 -2.72 -9.19
CA THR B 265 23.87 -1.75 -9.22
C THR B 265 24.04 -1.01 -7.90
N LEU B 266 23.42 -1.50 -6.83
CA LEU B 266 23.40 -0.77 -5.57
C LEU B 266 24.81 -0.53 -5.04
N GLY B 267 25.66 -1.56 -5.06
CA GLY B 267 27.01 -1.42 -4.53
C GLY B 267 27.85 -0.43 -5.31
N LEU B 268 27.82 -0.52 -6.64
CA LEU B 268 28.57 0.43 -7.46
C LEU B 268 28.08 1.85 -7.25
N ARG B 269 26.75 2.02 -7.15
CA ARG B 269 26.18 3.35 -6.99
C ARG B 269 26.55 3.95 -5.63
N MET B 270 26.46 3.15 -4.56
CA MET B 270 26.82 3.67 -3.23
C MET B 270 28.29 4.05 -3.17
N GLU B 271 29.16 3.32 -3.89
CA GLU B 271 30.58 3.65 -3.85
C GLU B 271 30.85 5.02 -4.47
N ARG B 272 30.22 5.32 -5.60
CA ARG B 272 30.38 6.66 -6.18
C ARG B 272 29.65 7.70 -5.35
N HIS B 273 28.46 7.37 -4.84
CA HIS B 273 27.75 8.25 -3.92
C HIS B 273 28.64 8.66 -2.76
N CYS B 274 29.23 7.67 -2.08
CA CYS B 274 30.01 7.97 -0.88
C CYS B 274 31.31 8.67 -1.22
N ALA B 275 31.94 8.30 -2.34
CA ALA B 275 33.16 8.99 -2.76
C ALA B 275 32.88 10.45 -3.04
N ASN B 276 31.77 10.75 -3.72
CA ASN B 276 31.39 12.14 -3.96
C ASN B 276 31.14 12.88 -2.65
N ALA B 277 30.41 12.24 -1.73
CA ALA B 277 30.06 12.90 -0.47
C ALA B 277 31.31 13.23 0.36
N GLN B 278 32.27 12.30 0.41
CA GLN B 278 33.48 12.55 1.18
C GLN B 278 34.24 13.76 0.64
N LYS B 279 34.38 13.86 -0.69
CA LYS B 279 35.04 15.02 -1.29
C LYS B 279 34.29 16.30 -0.96
N ILE B 280 32.96 16.27 -1.09
CA ILE B 280 32.18 17.49 -0.89
C ILE B 280 32.18 17.89 0.58
N ALA B 281 32.08 16.90 1.49
CA ALA B 281 32.03 17.22 2.91
C ALA B 281 33.31 17.93 3.36
N GLU B 282 34.47 17.42 2.94
CA GLU B 282 35.75 18.03 3.32
C GLU B 282 35.89 19.41 2.69
N TRP B 283 35.52 19.57 1.43
CA TRP B 283 35.59 20.88 0.79
C TRP B 283 34.68 21.89 1.47
N LEU B 284 33.48 21.47 1.88
CA LEU B 284 32.56 22.36 2.58
C LEU B 284 33.12 22.79 3.93
N GLU B 285 33.73 21.85 4.66
CA GLU B 285 34.21 22.17 6.00
C GLU B 285 35.31 23.21 5.98
N ALA B 286 36.04 23.33 4.87
CA ALA B 286 37.12 24.30 4.74
C ALA B 286 36.67 25.65 4.20
N ARG B 287 35.42 25.78 3.78
CA ARG B 287 34.94 27.06 3.28
C ARG B 287 34.75 28.03 4.44
N PRO B 288 35.10 29.31 4.26
CA PRO B 288 34.86 30.28 5.35
C PRO B 288 33.39 30.47 5.67
N GLU B 289 32.50 30.32 4.67
CA GLU B 289 31.07 30.56 4.85
C GLU B 289 30.38 29.47 5.66
N VAL B 290 31.06 28.36 5.95
CA VAL B 290 30.43 27.18 6.54
C VAL B 290 30.88 27.09 8.00
N ALA B 291 29.90 27.07 8.91
CA ALA B 291 30.20 26.97 10.34
C ALA B 291 30.49 25.54 10.78
N ARG B 292 29.73 24.58 10.26
CA ARG B 292 29.88 23.19 10.67
C ARG B 292 29.37 22.29 9.55
N VAL B 293 29.97 21.10 9.46
CA VAL B 293 29.54 20.08 8.52
C VAL B 293 29.26 18.82 9.32
N TYR B 294 28.17 18.14 8.96
CA TYR B 294 27.74 16.89 9.60
C TYR B 294 27.88 15.78 8.57
N TYR B 295 28.90 14.95 8.72
CA TYR B 295 29.09 13.83 7.82
C TYR B 295 29.92 12.74 8.49
N PRO B 296 29.45 11.50 8.54
CA PRO B 296 30.13 10.47 9.34
C PRO B 296 31.55 10.16 8.92
N GLY B 297 31.94 10.49 7.69
CA GLY B 297 33.30 10.28 7.23
C GLY B 297 34.25 11.40 7.56
N LEU B 298 33.82 12.38 8.34
CA LEU B 298 34.64 13.52 8.73
C LEU B 298 35.29 13.24 10.06
N ASP B 299 36.57 13.60 10.19
CA ASP B 299 37.27 13.45 11.46
C ASP B 299 36.57 14.24 12.57
N SER B 300 35.94 15.36 12.21
CA SER B 300 35.23 16.17 13.20
C SER B 300 33.93 15.55 13.67
N HIS B 301 33.47 14.49 13.04
CA HIS B 301 32.20 13.88 13.46
C HIS B 301 32.41 13.19 14.81
N PRO B 302 31.62 13.51 15.83
CA PRO B 302 31.87 12.96 17.17
C PRO B 302 31.68 11.45 17.28
N GLN B 303 31.16 10.77 16.27
CA GLN B 303 30.98 9.32 16.32
C GLN B 303 31.54 8.66 15.08
N GLN B 304 32.67 9.17 14.59
CA GLN B 304 33.27 8.61 13.38
C GLN B 304 33.61 7.14 13.56
N ALA B 305 34.16 6.77 14.73
CA ALA B 305 34.58 5.39 14.95
C ALA B 305 33.39 4.46 15.04
N LEU B 306 32.34 4.85 15.77
CA LEU B 306 31.15 4.01 15.82
C LEU B 306 30.54 3.84 14.44
N ALA B 307 30.51 4.92 13.66
CA ALA B 307 29.99 4.83 12.30
C ALA B 307 30.85 3.89 11.45
N ALA B 308 32.17 3.97 11.60
CA ALA B 308 33.05 3.10 10.80
C ALA B 308 33.03 1.66 11.26
N ARG B 309 32.61 1.39 12.50
CA ARG B 309 32.44 0.00 12.93
C ARG B 309 31.17 -0.62 12.36
N GLN B 310 30.10 0.18 12.21
CA GLN B 310 28.83 -0.36 11.74
C GLN B 310 28.67 -0.29 10.22
N GLN B 311 29.47 0.51 9.53
CA GLN B 311 29.23 0.77 8.12
C GLN B 311 30.50 0.55 7.32
N ARG B 312 30.34 -0.05 6.14
CA ARG B 312 31.48 -0.18 5.23
C ARG B 312 31.96 1.18 4.76
N LEU B 313 31.04 2.11 4.52
CA LEU B 313 31.35 3.45 4.04
C LEU B 313 30.53 4.45 4.84
N PRO B 314 30.95 5.73 4.86
CA PRO B 314 30.24 6.72 5.68
C PRO B 314 28.78 6.94 5.30
N GLY B 315 28.42 6.74 4.04
CA GLY B 315 27.16 7.18 3.51
C GLY B 315 27.35 8.34 2.54
N ALA B 316 26.23 8.88 2.06
CA ALA B 316 26.30 9.92 1.04
C ALA B 316 25.35 11.08 1.32
N ILE B 317 24.79 11.18 2.52
CA ILE B 317 23.99 12.32 2.94
C ILE B 317 24.84 13.16 3.89
N LEU B 318 24.81 14.48 3.70
CA LEU B 318 25.48 15.38 4.61
C LEU B 318 24.62 16.62 4.82
N SER B 319 24.83 17.28 5.95
CA SER B 319 24.27 18.58 6.22
C SER B 319 25.40 19.53 6.58
N PHE B 320 25.13 20.83 6.47
CA PHE B 320 26.11 21.81 6.91
C PHE B 320 25.41 23.10 7.33
N ASP B 321 25.90 23.70 8.40
CA ASP B 321 25.42 25.00 8.86
C ASP B 321 26.15 26.10 8.12
N LEU B 322 25.41 27.09 7.64
CA LEU B 322 25.98 28.28 7.05
C LEU B 322 26.05 29.38 8.11
N HIS B 323 27.15 30.14 8.10
CA HIS B 323 27.18 31.37 8.89
C HIS B 323 26.09 32.29 8.37
N GLY B 324 25.19 32.68 9.25
CA GLY B 324 23.94 33.29 8.86
C GLY B 324 22.78 32.36 9.16
N GLY B 325 21.60 32.81 8.80
CA GLY B 325 20.43 32.04 9.15
C GLY B 325 19.69 31.57 7.93
N GLN B 326 18.36 31.68 7.99
CA GLN B 326 17.54 31.26 6.87
C GLN B 326 17.85 32.07 5.62
N LYS B 327 18.11 33.37 5.79
CA LYS B 327 18.38 34.23 4.64
C LYS B 327 19.60 33.73 3.88
N ALA B 328 20.65 33.35 4.59
CA ALA B 328 21.86 32.84 3.94
C ALA B 328 21.60 31.51 3.22
N ALA B 329 20.87 30.61 3.88
CA ALA B 329 20.55 29.32 3.26
C ALA B 329 19.71 29.51 1.99
N TRP B 330 18.71 30.39 2.05
CA TRP B 330 17.83 30.59 0.90
C TRP B 330 18.57 31.30 -0.24
N ALA B 331 19.41 32.28 0.09
CA ALA B 331 20.24 32.88 -0.95
C ALA B 331 21.15 31.83 -1.58
N PHE B 332 21.63 30.90 -0.77
CA PHE B 332 22.51 29.84 -1.28
C PHE B 332 21.79 28.95 -2.27
N VAL B 333 20.63 28.41 -1.89
CA VAL B 333 20.00 27.43 -2.78
C VAL B 333 19.43 28.12 -4.01
N ASP B 334 18.94 29.35 -3.87
CA ASP B 334 18.30 30.03 -4.99
C ASP B 334 19.27 30.31 -6.14
N ALA B 335 20.57 30.31 -5.88
CA ALA B 335 21.56 30.55 -6.93
C ALA B 335 22.01 29.27 -7.61
N LEU B 336 21.66 28.10 -7.08
CA LEU B 336 22.05 26.84 -7.68
C LEU B 336 21.29 26.63 -8.99
N ARG B 337 22.01 26.12 -9.99
CA ARG B 337 21.40 25.75 -11.26
C ARG B 337 21.47 24.26 -11.58
N LEU B 338 22.18 23.48 -10.77
CA LEU B 338 22.36 22.06 -11.04
C LEU B 338 21.68 21.18 -10.00
N LEU B 339 21.98 21.38 -8.72
CA LEU B 339 21.40 20.53 -7.68
C LEU B 339 19.88 20.67 -7.69
N SER B 340 19.21 19.59 -7.30
CA SER B 340 17.75 19.56 -7.29
C SER B 340 17.25 20.11 -5.96
N LEU B 341 16.38 21.12 -6.03
CA LEU B 341 15.64 21.59 -4.86
C LEU B 341 14.45 20.68 -4.67
N THR B 342 14.57 19.71 -3.77
CA THR B 342 13.50 18.75 -3.57
C THR B 342 13.74 18.06 -2.23
N ALA B 343 12.64 17.67 -1.58
CA ALA B 343 12.69 16.97 -0.30
C ALA B 343 12.77 15.47 -0.58
N ASN B 344 13.99 15.03 -0.88
CA ASN B 344 14.20 13.63 -1.25
C ASN B 344 15.68 13.32 -1.11
N LEU B 345 15.99 12.02 -1.14
CA LEU B 345 17.36 11.55 -1.08
C LEU B 345 17.45 10.22 -1.83
N GLY B 346 18.68 9.79 -2.09
CA GLY B 346 18.90 8.50 -2.72
C GLY B 346 18.73 8.46 -4.21
N ASP B 347 18.78 9.61 -4.87
CA ASP B 347 18.72 9.68 -6.32
C ASP B 347 20.13 9.85 -6.89
N ALA B 348 20.30 9.42 -8.15
CA ALA B 348 21.49 9.81 -8.88
C ALA B 348 21.57 11.32 -9.02
N LYS B 349 20.42 12.00 -9.05
CA LYS B 349 20.36 13.46 -9.03
C LYS B 349 20.61 13.94 -7.61
N THR B 350 21.65 14.76 -7.42
CA THR B 350 21.92 15.37 -6.12
C THR B 350 20.76 16.27 -5.71
N THR B 351 20.34 16.15 -4.46
CA THR B 351 19.25 16.97 -3.95
C THR B 351 19.72 17.81 -2.79
N ILE B 352 19.07 18.96 -2.62
CA ILE B 352 19.32 19.82 -1.47
C ILE B 352 17.98 20.31 -0.96
N THR B 353 17.89 20.47 0.36
CA THR B 353 16.69 21.00 0.96
C THR B 353 17.07 21.73 2.26
N HIS B 354 16.18 22.61 2.70
CA HIS B 354 16.39 23.41 3.90
C HIS B 354 15.42 22.92 4.97
N PRO B 355 15.85 22.07 5.90
CA PRO B 355 14.88 21.37 6.75
C PRO B 355 14.02 22.28 7.60
N ALA B 356 14.58 23.40 8.10
CA ALA B 356 13.83 24.27 9.00
C ALA B 356 12.56 24.80 8.35
N SER B 357 12.58 25.01 7.04
CA SER B 357 11.39 25.49 6.34
C SER B 357 10.69 24.42 5.51
N THR B 358 11.25 23.21 5.36
CA THR B 358 10.55 22.17 4.61
C THR B 358 10.24 20.92 5.44
N THR B 359 11.22 20.10 5.77
CA THR B 359 10.91 18.79 6.34
C THR B 359 10.72 18.85 7.85
N HIS B 360 11.29 19.85 8.50
CA HIS B 360 11.08 20.10 9.92
C HIS B 360 10.29 21.37 10.15
N SER B 361 9.55 21.83 9.14
CA SER B 361 8.83 23.09 9.23
C SER B 361 7.73 23.05 10.29
N ARG B 362 7.02 21.93 10.39
CA ARG B 362 5.95 21.77 11.37
C ARG B 362 6.46 21.31 12.73
N VAL B 363 7.76 21.37 12.95
CA VAL B 363 8.35 21.24 14.28
C VAL B 363 8.62 22.66 14.79
N SER B 364 8.35 22.88 16.07
CA SER B 364 8.52 24.21 16.63
C SER B 364 9.99 24.64 16.56
N PRO B 365 10.25 25.93 16.42
CA PRO B 365 11.65 26.39 16.43
C PRO B 365 12.40 26.02 17.70
N GLU B 366 11.70 25.97 18.83
CA GLU B 366 12.34 25.56 20.09
C GLU B 366 12.75 24.09 20.05
N ALA B 367 11.88 23.23 19.50
CA ALA B 367 12.21 21.80 19.43
C ALA B 367 13.34 21.53 18.46
N ARG B 368 13.37 22.24 17.33
CA ARG B 368 14.47 22.08 16.38
C ARG B 368 15.79 22.51 17.02
N ALA B 369 15.78 23.63 17.75
CA ALA B 369 16.97 24.09 18.44
C ALA B 369 17.46 23.03 19.42
N ALA B 370 16.53 22.39 20.15
CA ALA B 370 16.90 21.32 21.05
C ALA B 370 17.55 20.17 20.29
N ALA B 371 17.03 19.84 19.11
CA ALA B 371 17.60 18.75 18.33
C ALA B 371 18.86 19.15 17.57
N GLY B 372 19.17 20.44 17.49
CA GLY B 372 20.34 20.89 16.74
C GLY B 372 20.10 21.17 15.27
N VAL B 373 18.85 21.28 14.85
CA VAL B 373 18.51 21.55 13.46
C VAL B 373 18.28 23.06 13.36
N GLY B 374 19.34 23.78 12.99
CA GLY B 374 19.28 25.23 12.97
C GLY B 374 18.67 25.78 11.70
N ASP B 375 18.47 27.10 11.70
CA ASP B 375 17.89 27.77 10.53
C ASP B 375 18.90 28.01 9.43
N GLY B 376 20.19 27.84 9.70
CA GLY B 376 21.22 27.91 8.68
C GLY B 376 21.64 26.58 8.10
N LEU B 377 20.94 25.48 8.43
CA LEU B 377 21.33 24.15 8.01
C LEU B 377 20.73 23.81 6.65
N LEU B 378 21.56 23.25 5.77
CA LEU B 378 21.15 22.70 4.49
C LEU B 378 21.56 21.24 4.43
N ARG B 379 20.69 20.41 3.86
CA ARG B 379 20.97 18.98 3.72
C ARG B 379 21.16 18.63 2.26
N ILE B 380 22.24 17.91 1.96
CA ILE B 380 22.54 17.50 0.60
C ILE B 380 22.53 15.98 0.56
N SER B 381 21.73 15.42 -0.34
CA SER B 381 21.85 14.02 -0.74
C SER B 381 22.76 14.00 -1.96
N VAL B 382 23.98 13.50 -1.78
CA VAL B 382 25.02 13.64 -2.79
C VAL B 382 24.82 12.57 -3.86
N GLY B 383 24.57 13.01 -5.09
CA GLY B 383 24.25 12.12 -6.19
C GLY B 383 25.50 11.62 -6.90
N LEU B 384 25.29 11.20 -8.15
CA LEU B 384 26.31 10.54 -8.94
C LEU B 384 26.90 11.44 -10.01
N GLU B 385 26.55 12.71 -10.04
CA GLU B 385 27.16 13.64 -10.96
C GLU B 385 28.64 13.82 -10.63
N HIS B 386 29.40 14.38 -11.57
CA HIS B 386 30.79 14.68 -11.32
C HIS B 386 30.93 15.70 -10.20
N ALA B 387 31.79 15.39 -9.22
CA ALA B 387 31.95 16.24 -8.04
C ALA B 387 32.38 17.65 -8.43
N ASP B 388 33.20 17.79 -9.46
CA ASP B 388 33.58 19.13 -9.92
C ASP B 388 32.36 19.95 -10.30
N ASP B 389 31.43 19.36 -11.05
CA ASP B 389 30.23 20.08 -11.43
C ASP B 389 29.38 20.42 -10.20
N LEU B 390 29.26 19.46 -9.28
CA LEU B 390 28.57 19.76 -8.03
C LEU B 390 29.28 20.86 -7.25
N ARG B 391 30.62 20.79 -7.18
CA ARG B 391 31.38 21.81 -6.47
CA ARG B 391 31.38 21.82 -6.47
C ARG B 391 31.18 23.19 -7.10
N GLU B 392 31.25 23.25 -8.44
CA GLU B 392 31.09 24.54 -9.11
C GLU B 392 29.69 25.10 -8.95
N ASP B 393 28.67 24.23 -8.86
CA ASP B 393 27.33 24.73 -8.62
C ASP B 393 27.21 25.31 -7.22
N MET B 394 27.80 24.64 -6.22
CA MET B 394 27.74 25.14 -4.86
C MET B 394 28.54 26.43 -4.70
N GLU B 395 29.60 26.61 -5.51
CA GLU B 395 30.31 27.88 -5.52
C GLU B 395 29.41 29.02 -5.98
N ARG B 396 28.42 28.73 -6.82
CA ARG B 396 27.43 29.75 -7.17
C ARG B 396 26.59 30.13 -5.97
N GLY B 397 26.29 29.18 -5.09
CA GLY B 397 25.54 29.49 -3.89
C GLY B 397 26.34 30.32 -2.91
N PHE B 398 27.63 30.04 -2.79
CA PHE B 398 28.49 30.80 -1.90
C PHE B 398 28.74 32.20 -2.45
N ALA B 399 28.89 32.32 -3.78
CA ALA B 399 29.06 33.63 -4.38
C ALA B 399 27.84 34.51 -4.15
N ALA B 400 26.65 33.92 -4.05
CA ALA B 400 25.44 34.69 -3.79
C ALA B 400 25.38 35.22 -2.37
N LEU B 401 26.24 34.73 -1.47
CA LEU B 401 26.33 35.29 -0.13
C LEU B 401 27.04 36.63 -0.08
N VAL B 402 27.69 37.03 -1.18
CA VAL B 402 28.37 38.32 -1.23
C VAL B 402 27.37 39.47 -1.17
N ALA B 403 26.29 39.37 -1.93
CA ALA B 403 25.24 40.40 -1.90
C ALA B 403 23.85 39.76 -1.99
#